data_4Z3D
#
_entry.id   4Z3D
#
_cell.length_a   55.567
_cell.length_b   57.180
_cell.length_c   99.453
_cell.angle_alpha   82.99
_cell.angle_beta   87.32
_cell.angle_gamma   85.66
#
_symmetry.space_group_name_H-M   'P 1'
#
loop_
_entity.id
_entity.type
_entity.pdbx_description
1 polymer 'Carbonyl reductase [NADPH] 1'
2 non-polymer GLUTATHIONE
3 non-polymer 'NADPH DIHYDRO-NICOTINAMIDE-ADENINE-DINUCLEOTIDE PHOSPHATE'
4 water water
#
_entity_poly.entity_id   1
_entity_poly.type   'polypeptide(L)'
_entity_poly.pdbx_seq_one_letter_code
;SSGIHVALVTGGNKGIGLAIVRDLCRLFSGDVVLTARDVTRGQAAVQQLQAEGLSPRFHQLDIDDLQSIRALRDFLRKEY
GGLDVLVNNAGIAFKVADPTPFHIQAEVTMKTNFFGTRDVCTELLPLIKPQGRVVNVSSIMSVRALKSCSPELQQKFRSE
TITEEELVGLMNKFVEDTKKGVHQKEGWPSSAYGVTKIGVTVLSRIHARKLSEQRKGDKILLNACCPGWVRTDMAGPKAT
KSPEEGAETPVYLALLPPDAEGPHGQFVSEKRVEQW
;
_entity_poly.pdbx_strand_id   A,B,C,D
#
# COMPACT_ATOMS: atom_id res chain seq x y z
N SER A 1 22.82 -53.52 -27.52
CA SER A 1 23.86 -53.73 -26.52
C SER A 1 23.32 -53.54 -25.10
N SER A 2 22.03 -53.76 -24.90
CA SER A 2 21.41 -53.48 -23.61
C SER A 2 21.99 -54.31 -22.44
N GLY A 3 22.62 -55.43 -22.76
CA GLY A 3 23.19 -56.31 -21.73
C GLY A 3 24.61 -55.95 -21.31
N ILE A 4 25.18 -54.94 -21.95
CA ILE A 4 26.50 -54.44 -21.64
C ILE A 4 26.42 -53.15 -20.80
N HIS A 5 27.15 -53.07 -19.69
CA HIS A 5 27.16 -51.87 -18.86
C HIS A 5 27.88 -50.77 -19.63
N VAL A 6 27.43 -49.53 -19.48
CA VAL A 6 28.05 -48.44 -20.23
C VAL A 6 28.34 -47.22 -19.34
N ALA A 7 29.54 -46.67 -19.47
CA ALA A 7 29.92 -45.47 -18.72
C ALA A 7 30.22 -44.36 -19.71
N LEU A 8 29.88 -43.13 -19.37
CA LEU A 8 30.11 -42.03 -20.30
C LEU A 8 30.75 -40.86 -19.60
N VAL A 9 31.72 -40.23 -20.25
CA VAL A 9 32.36 -39.04 -19.70
C VAL A 9 32.21 -37.87 -20.66
N THR A 10 31.80 -36.72 -20.12
CA THR A 10 31.71 -35.51 -20.94
C THR A 10 33.00 -34.73 -20.83
N GLY A 11 33.35 -33.96 -21.86
CA GLY A 11 34.63 -33.27 -21.88
C GLY A 11 35.78 -34.26 -21.69
N GLY A 12 35.77 -35.32 -22.48
CA GLY A 12 36.71 -36.41 -22.25
C GLY A 12 37.93 -36.43 -23.13
N ASN A 13 38.10 -35.42 -23.97
CA ASN A 13 39.25 -35.43 -24.88
C ASN A 13 40.57 -34.98 -24.27
N LYS A 14 40.53 -34.30 -23.13
CA LYS A 14 41.75 -33.83 -22.49
C LYS A 14 41.53 -33.59 -21.00
N GLY A 15 42.63 -33.33 -20.30
CA GLY A 15 42.61 -32.97 -18.89
C GLY A 15 42.07 -34.07 -17.99
N ILE A 16 41.34 -33.66 -16.96
CA ILE A 16 40.75 -34.62 -16.01
C ILE A 16 39.83 -35.63 -16.70
N GLY A 17 39.03 -35.16 -17.65
CA GLY A 17 38.08 -36.01 -18.34
C GLY A 17 38.78 -37.17 -19.05
N LEU A 18 39.89 -36.89 -19.71
CA LEU A 18 40.65 -37.94 -20.37
C LEU A 18 41.21 -38.93 -19.37
N ALA A 19 41.69 -38.43 -18.23
CA ALA A 19 42.22 -39.30 -17.20
C ALA A 19 41.14 -40.21 -16.62
N ILE A 20 39.92 -39.68 -16.49
CA ILE A 20 38.78 -40.47 -16.04
C ILE A 20 38.45 -41.57 -17.05
N VAL A 21 38.45 -41.23 -18.34
CA VAL A 21 38.19 -42.23 -19.38
C VAL A 21 39.23 -43.36 -19.30
N ARG A 22 40.50 -43.00 -19.18
CA ARG A 22 41.57 -43.96 -19.01
C ARG A 22 41.29 -44.91 -17.84
N ASP A 23 41.01 -44.34 -16.67
CA ASP A 23 40.74 -45.17 -15.50
C ASP A 23 39.53 -46.08 -15.70
N LEU A 24 38.43 -45.54 -16.23
CA LEU A 24 37.24 -46.36 -16.48
C LEU A 24 37.51 -47.46 -17.50
N CYS A 25 38.35 -47.19 -18.50
CA CYS A 25 38.67 -48.23 -19.47
C CYS A 25 39.31 -49.42 -18.76
N ARG A 26 40.08 -49.12 -17.73
CA ARG A 26 40.82 -50.12 -16.97
C ARG A 26 39.95 -50.83 -15.92
N LEU A 27 39.06 -50.08 -15.28
CA LEU A 27 38.33 -50.55 -14.10
C LEU A 27 36.83 -50.85 -14.30
N PHE A 28 36.21 -50.23 -15.30
CA PHE A 28 34.77 -50.37 -15.47
C PHE A 28 34.45 -51.62 -16.28
N SER A 29 33.60 -52.49 -15.75
CA SER A 29 33.26 -53.71 -16.46
C SER A 29 32.13 -53.42 -17.45
N GLY A 30 32.50 -52.92 -18.63
CA GLY A 30 31.53 -52.63 -19.66
C GLY A 30 32.16 -51.73 -20.72
N ASP A 31 31.32 -51.03 -21.48
CA ASP A 31 31.85 -50.12 -22.49
C ASP A 31 32.13 -48.78 -21.83
N VAL A 32 33.08 -48.02 -22.38
CA VAL A 32 33.28 -46.67 -21.91
C VAL A 32 33.18 -45.74 -23.12
N VAL A 33 32.37 -44.69 -22.99
CA VAL A 33 32.20 -43.74 -24.09
C VAL A 33 32.92 -42.43 -23.76
N LEU A 34 33.96 -42.11 -24.52
CA LEU A 34 34.61 -40.80 -24.46
C LEU A 34 33.76 -39.88 -25.32
N THR A 35 33.33 -38.75 -24.77
CA THR A 35 32.64 -37.78 -25.62
C THR A 35 33.42 -36.48 -25.67
N ALA A 36 33.24 -35.73 -26.75
CA ALA A 36 33.92 -34.46 -26.94
C ALA A 36 33.11 -33.58 -27.86
N ARG A 37 33.23 -32.27 -27.70
CA ARG A 37 32.46 -31.34 -28.55
C ARG A 37 33.04 -31.20 -29.95
N ASP A 38 34.36 -31.34 -30.07
CA ASP A 38 35.02 -31.24 -31.36
C ASP A 38 35.29 -32.66 -31.85
N VAL A 39 34.60 -33.09 -32.91
CA VAL A 39 34.70 -34.49 -33.38
C VAL A 39 36.15 -34.83 -33.75
N THR A 40 36.86 -33.85 -34.29
CA THR A 40 38.25 -34.06 -34.68
C THR A 40 39.16 -34.28 -33.47
N ARG A 41 39.02 -33.45 -32.43
CA ARG A 41 39.78 -33.68 -31.20
C ARG A 41 39.32 -34.92 -30.44
N GLY A 42 38.01 -35.22 -30.49
CA GLY A 42 37.50 -36.41 -29.84
C GLY A 42 38.08 -37.68 -30.43
N GLN A 43 38.04 -37.79 -31.76
CA GLN A 43 38.55 -38.98 -32.43
C GLN A 43 40.06 -39.10 -32.31
N ALA A 44 40.76 -37.97 -32.25
CA ALA A 44 42.21 -37.99 -32.03
C ALA A 44 42.54 -38.50 -30.63
N ALA A 45 41.70 -38.15 -29.66
CA ALA A 45 41.92 -38.65 -28.30
C ALA A 45 41.71 -40.16 -28.25
N VAL A 46 40.72 -40.64 -29.02
CA VAL A 46 40.42 -42.07 -29.04
C VAL A 46 41.58 -42.83 -29.70
N GLN A 47 42.09 -42.26 -30.77
CA GLN A 47 43.18 -42.86 -31.47
C GLN A 47 44.42 -42.94 -30.58
N GLN A 48 44.63 -41.88 -29.84
CA GLN A 48 45.69 -41.79 -28.85
C GLN A 48 45.55 -42.87 -27.79
N LEU A 49 44.33 -43.09 -27.29
CA LEU A 49 44.14 -44.10 -26.26
C LEU A 49 44.36 -45.49 -26.84
N GLN A 50 43.98 -45.69 -28.10
CA GLN A 50 44.18 -46.97 -28.77
C GLN A 50 45.67 -47.32 -28.78
N ALA A 51 46.50 -46.29 -28.89
CA ALA A 51 47.95 -46.47 -28.86
C ALA A 51 48.47 -46.78 -27.46
N GLU A 52 47.60 -46.67 -26.46
CA GLU A 52 47.93 -47.07 -25.09
C GLU A 52 47.26 -48.40 -24.77
N GLY A 53 46.60 -48.97 -25.77
CA GLY A 53 45.98 -50.27 -25.62
C GLY A 53 44.58 -50.19 -25.03
N LEU A 54 43.98 -49.01 -25.10
CA LEU A 54 42.64 -48.82 -24.54
C LEU A 54 41.64 -48.52 -25.65
N SER A 55 40.40 -48.98 -25.49
CA SER A 55 39.42 -48.85 -26.57
C SER A 55 38.07 -48.27 -26.15
N PRO A 56 38.06 -47.00 -25.72
CA PRO A 56 36.74 -46.39 -25.46
C PRO A 56 36.01 -46.18 -26.78
N ARG A 57 34.69 -46.23 -26.74
CA ARG A 57 33.89 -45.81 -27.87
C ARG A 57 33.91 -44.29 -27.89
N PHE A 58 33.43 -43.71 -29.00
CA PHE A 58 33.31 -42.27 -29.10
C PHE A 58 31.92 -41.83 -29.49
N HIS A 59 31.49 -40.70 -28.95
CA HIS A 59 30.30 -40.04 -29.46
C HIS A 59 30.46 -38.55 -29.26
N GLN A 60 30.06 -37.77 -30.25
CA GLN A 60 30.19 -36.33 -30.12
C GLN A 60 29.23 -35.86 -29.05
N LEU A 61 29.66 -34.85 -28.27
CA LEU A 61 28.77 -34.16 -27.36
C LEU A 61 29.29 -32.75 -27.00
N ASP A 62 28.49 -31.74 -27.31
CA ASP A 62 28.71 -30.39 -26.79
C ASP A 62 27.57 -30.05 -25.84
N ILE A 63 27.91 -29.82 -24.57
CA ILE A 63 26.84 -29.66 -23.58
C ILE A 63 26.14 -28.31 -23.69
N ASP A 64 26.66 -27.40 -24.52
CA ASP A 64 25.96 -26.14 -24.82
C ASP A 64 24.92 -26.27 -25.93
N ASP A 65 24.84 -27.43 -26.57
CA ASP A 65 23.96 -27.60 -27.74
C ASP A 65 22.93 -28.69 -27.43
N LEU A 66 21.68 -28.29 -27.18
CA LEU A 66 20.64 -29.24 -26.76
C LEU A 66 20.38 -30.33 -27.81
N GLN A 67 20.60 -30.02 -29.08
CA GLN A 67 20.41 -31.04 -30.11
C GLN A 67 21.55 -32.07 -30.08
N SER A 68 22.73 -31.63 -29.65
CA SER A 68 23.84 -32.57 -29.48
C SER A 68 23.54 -33.50 -28.30
N ILE A 69 23.05 -32.91 -27.21
CA ILE A 69 22.69 -33.71 -26.04
C ILE A 69 21.58 -34.71 -26.38
N ARG A 70 20.59 -34.26 -27.15
CA ARG A 70 19.47 -35.14 -27.51
C ARG A 70 19.87 -36.26 -28.47
N ALA A 71 20.84 -35.99 -29.36
CA ALA A 71 21.36 -37.01 -30.25
C ALA A 71 22.05 -38.11 -29.46
N LEU A 72 22.81 -37.72 -28.44
CA LEU A 72 23.48 -38.67 -27.57
C LEU A 72 22.46 -39.48 -26.77
N ARG A 73 21.42 -38.80 -26.30
CA ARG A 73 20.34 -39.43 -25.55
C ARG A 73 19.72 -40.54 -26.40
N ASP A 74 19.43 -40.21 -27.65
CA ASP A 74 18.78 -41.14 -28.55
C ASP A 74 19.68 -42.33 -28.85
N PHE A 75 20.98 -42.07 -29.03
CA PHE A 75 21.96 -43.11 -29.26
C PHE A 75 21.98 -44.12 -28.10
N LEU A 76 22.10 -43.61 -26.87
CA LEU A 76 22.16 -44.46 -25.69
C LEU A 76 20.89 -45.27 -25.50
N ARG A 77 19.75 -44.61 -25.71
CA ARG A 77 18.45 -45.25 -25.58
C ARG A 77 18.36 -46.39 -26.58
N LYS A 78 18.87 -46.14 -27.77
CA LYS A 78 18.80 -47.11 -28.86
C LYS A 78 19.76 -48.29 -28.70
N GLU A 79 21.04 -48.00 -28.41
CA GLU A 79 22.05 -49.05 -28.29
C GLU A 79 21.99 -49.79 -26.96
N TYR A 80 21.89 -49.03 -25.86
CA TYR A 80 22.07 -49.62 -24.53
C TYR A 80 20.79 -49.71 -23.71
N GLY A 81 19.76 -48.98 -24.15
CA GLY A 81 18.52 -48.91 -23.40
C GLY A 81 18.69 -48.10 -22.13
N GLY A 82 19.66 -47.19 -22.14
CA GLY A 82 19.98 -46.44 -20.93
C GLY A 82 21.46 -46.22 -20.75
N LEU A 83 21.86 -45.95 -19.51
CA LEU A 83 23.24 -45.59 -19.15
C LEU A 83 23.50 -46.02 -17.72
N ASP A 84 24.67 -46.59 -17.44
CA ASP A 84 24.99 -46.98 -16.06
C ASP A 84 25.76 -45.91 -15.29
N VAL A 85 26.81 -45.37 -15.91
CA VAL A 85 27.61 -44.32 -15.27
C VAL A 85 27.67 -43.07 -16.12
N LEU A 86 27.38 -41.93 -15.50
CA LEU A 86 27.50 -40.64 -16.17
C LEU A 86 28.46 -39.77 -15.37
N VAL A 87 29.53 -39.29 -16.01
CA VAL A 87 30.44 -38.33 -15.40
C VAL A 87 30.34 -37.00 -16.14
N ASN A 88 29.71 -36.04 -15.48
CA ASN A 88 29.63 -34.67 -16.00
C ASN A 88 30.87 -33.89 -15.65
N ASN A 89 31.86 -33.92 -16.55
CA ASN A 89 33.17 -33.35 -16.28
C ASN A 89 33.42 -32.05 -17.05
N ALA A 90 32.79 -31.91 -18.22
CA ALA A 90 32.96 -30.73 -19.07
C ALA A 90 32.79 -29.44 -18.28
N GLY A 91 33.68 -28.48 -18.50
CA GLY A 91 33.57 -27.19 -17.84
C GLY A 91 34.62 -26.25 -18.38
N ILE A 92 34.42 -24.96 -18.13
CA ILE A 92 35.34 -23.94 -18.60
C ILE A 92 35.59 -22.90 -17.51
N ALA A 93 36.62 -22.10 -17.69
CA ALA A 93 36.89 -21.00 -16.77
C ALA A 93 37.67 -19.96 -17.54
N PHE A 94 37.37 -18.68 -17.30
CA PHE A 94 38.22 -17.60 -17.78
C PHE A 94 39.41 -17.49 -16.84
N LYS A 95 40.52 -16.96 -17.34
CA LYS A 95 41.69 -16.71 -16.48
C LYS A 95 41.37 -15.69 -15.39
N VAL A 96 42.11 -15.75 -14.28
CA VAL A 96 41.90 -14.87 -13.15
C VAL A 96 42.00 -13.40 -13.55
N ALA A 97 42.93 -13.10 -14.46
CA ALA A 97 43.17 -11.73 -14.89
C ALA A 97 42.73 -11.50 -16.33
N ASP A 98 41.75 -12.27 -16.79
CA ASP A 98 41.22 -12.11 -18.14
C ASP A 98 40.52 -10.76 -18.22
N PRO A 99 40.80 -10.00 -19.29
CA PRO A 99 40.20 -8.67 -19.52
C PRO A 99 38.75 -8.70 -20.02
N THR A 100 38.21 -9.87 -20.38
CA THR A 100 36.81 -9.95 -20.80
C THR A 100 35.94 -9.34 -19.71
N PRO A 101 35.01 -8.43 -20.09
CA PRO A 101 34.13 -7.80 -19.11
C PRO A 101 33.47 -8.84 -18.20
N PHE A 102 33.34 -8.53 -16.92
CA PHE A 102 32.86 -9.52 -15.94
C PHE A 102 31.50 -10.11 -16.28
N HIS A 103 30.56 -9.28 -16.73
CA HIS A 103 29.23 -9.81 -17.02
C HIS A 103 29.25 -10.82 -18.17
N ILE A 104 30.20 -10.66 -19.10
CA ILE A 104 30.38 -11.65 -20.16
C ILE A 104 30.98 -12.94 -19.62
N GLN A 105 31.98 -12.82 -18.76
CA GLN A 105 32.55 -14.02 -18.13
C GLN A 105 31.45 -14.74 -17.37
N ALA A 106 30.64 -13.98 -16.65
CA ALA A 106 29.54 -14.59 -15.89
C ALA A 106 28.61 -15.34 -16.82
N GLU A 107 28.20 -14.71 -17.91
CA GLU A 107 27.24 -15.33 -18.80
C GLU A 107 27.75 -16.55 -19.52
N VAL A 108 28.96 -16.45 -19.99
CA VAL A 108 29.55 -17.54 -20.75
C VAL A 108 29.88 -18.73 -19.86
N THR A 109 30.45 -18.45 -18.69
CA THR A 109 30.83 -19.52 -17.78
C THR A 109 29.57 -20.22 -17.26
N MET A 110 28.53 -19.45 -16.96
CA MET A 110 27.29 -20.03 -16.45
C MET A 110 26.64 -20.88 -17.53
N LYS A 111 26.71 -20.42 -18.76
CA LYS A 111 26.09 -21.11 -19.88
C LYS A 111 26.55 -22.56 -20.01
N THR A 112 27.85 -22.77 -19.85
CA THR A 112 28.42 -24.12 -19.94
C THR A 112 28.32 -24.87 -18.63
N ASN A 113 28.95 -24.33 -17.59
CA ASN A 113 29.13 -25.05 -16.34
C ASN A 113 27.83 -25.37 -15.64
N PHE A 114 26.90 -24.43 -15.61
CA PHE A 114 25.59 -24.68 -15.01
C PHE A 114 24.54 -25.15 -16.00
N PHE A 115 24.24 -24.33 -17.02
CA PHE A 115 23.14 -24.70 -17.90
C PHE A 115 23.42 -25.89 -18.78
N GLY A 116 24.67 -26.03 -19.21
CA GLY A 116 25.02 -27.17 -20.03
C GLY A 116 24.89 -28.44 -19.20
N THR A 117 25.47 -28.39 -18.01
CA THR A 117 25.45 -29.55 -17.14
C THR A 117 24.00 -29.91 -16.78
N ARG A 118 23.20 -28.88 -16.52
CA ARG A 118 21.80 -29.09 -16.20
C ARG A 118 21.04 -29.76 -17.35
N ASP A 119 21.26 -29.28 -18.57
CA ASP A 119 20.68 -29.90 -19.77
C ASP A 119 21.08 -31.38 -19.97
N VAL A 120 22.34 -31.70 -19.72
CA VAL A 120 22.75 -33.11 -19.79
C VAL A 120 21.99 -33.94 -18.77
N CYS A 121 21.87 -33.42 -17.56
CA CYS A 121 21.11 -34.14 -16.53
C CYS A 121 19.65 -34.28 -16.90
N THR A 122 19.04 -33.20 -17.39
CA THR A 122 17.63 -33.26 -17.81
C THR A 122 17.39 -34.39 -18.81
N GLU A 123 18.30 -34.54 -19.78
CA GLU A 123 18.12 -35.51 -20.85
C GLU A 123 18.62 -36.91 -20.51
N LEU A 124 19.67 -37.02 -19.70
CA LEU A 124 20.26 -38.33 -19.43
C LEU A 124 19.86 -38.98 -18.10
N LEU A 125 19.56 -38.17 -17.08
CA LEU A 125 19.09 -38.76 -15.82
C LEU A 125 17.96 -39.81 -15.94
N PRO A 126 16.96 -39.58 -16.82
CA PRO A 126 15.92 -40.60 -17.01
C PRO A 126 16.44 -41.94 -17.51
N LEU A 127 17.61 -41.93 -18.15
CA LEU A 127 18.18 -43.13 -18.76
C LEU A 127 19.05 -43.94 -17.77
N ILE A 128 19.35 -43.36 -16.62
CA ILE A 128 20.23 -44.04 -15.67
C ILE A 128 19.57 -45.33 -15.16
N LYS A 129 20.30 -46.44 -15.25
CA LYS A 129 19.78 -47.76 -14.88
C LYS A 129 19.98 -48.01 -13.40
N PRO A 130 19.27 -49.01 -12.84
CA PRO A 130 19.49 -49.31 -11.42
C PRO A 130 20.95 -49.63 -11.13
N GLN A 131 21.40 -49.34 -9.91
CA GLN A 131 22.80 -49.45 -9.50
C GLN A 131 23.69 -48.48 -10.27
N GLY A 132 23.10 -47.56 -11.01
CA GLY A 132 23.89 -46.58 -11.74
C GLY A 132 24.50 -45.52 -10.84
N ARG A 133 25.52 -44.83 -11.34
CA ARG A 133 26.12 -43.72 -10.60
C ARG A 133 26.29 -42.51 -11.49
N VAL A 134 26.06 -41.34 -10.89
CA VAL A 134 26.20 -40.07 -11.59
C VAL A 134 27.18 -39.21 -10.79
N VAL A 135 28.18 -38.66 -11.48
CA VAL A 135 29.21 -37.87 -10.83
C VAL A 135 29.29 -36.51 -11.51
N ASN A 136 29.01 -35.45 -10.76
CA ASN A 136 29.14 -34.10 -11.30
C ASN A 136 30.42 -33.46 -10.80
N VAL A 137 31.32 -33.12 -11.72
CA VAL A 137 32.58 -32.53 -11.30
C VAL A 137 32.34 -31.07 -11.01
N SER A 138 32.44 -30.73 -9.73
CA SER A 138 32.30 -29.35 -9.30
C SER A 138 33.67 -28.80 -8.97
N SER A 139 33.76 -28.08 -7.85
CA SER A 139 35.03 -27.50 -7.42
C SER A 139 34.90 -27.02 -5.98
N ILE A 140 35.99 -27.14 -5.23
CA ILE A 140 36.02 -26.61 -3.86
C ILE A 140 35.82 -25.09 -3.91
N MET A 141 36.03 -24.50 -5.07
CA MET A 141 35.69 -23.09 -5.27
C MET A 141 34.19 -22.84 -5.09
N SER A 142 33.40 -23.88 -5.28
CA SER A 142 31.97 -23.71 -4.99
C SER A 142 31.75 -23.37 -3.52
N VAL A 143 32.53 -23.99 -2.64
CA VAL A 143 32.41 -23.75 -1.19
C VAL A 143 32.94 -22.38 -0.81
N ARG A 144 34.04 -21.98 -1.40
CA ARG A 144 34.60 -20.68 -1.19
C ARG A 144 33.63 -19.61 -1.66
N ALA A 145 33.00 -19.88 -2.79
CA ALA A 145 32.05 -18.92 -3.33
C ALA A 145 30.83 -18.85 -2.45
N LEU A 146 30.35 -20.01 -1.98
CA LEU A 146 29.22 -20.09 -1.06
C LEU A 146 29.46 -19.23 0.17
N LYS A 147 30.62 -19.42 0.78
CA LYS A 147 30.94 -18.70 2.02
C LYS A 147 31.21 -17.22 1.79
N SER A 148 31.30 -16.82 0.53
CA SER A 148 31.54 -15.41 0.20
C SER A 148 30.24 -14.73 -0.20
N CYS A 149 29.16 -15.50 -0.24
CA CYS A 149 27.83 -14.95 -0.52
C CYS A 149 27.23 -14.33 0.72
N SER A 150 26.26 -13.44 0.51
CA SER A 150 25.52 -12.82 1.61
C SER A 150 24.82 -13.91 2.44
N PRO A 151 24.55 -13.63 3.71
CA PRO A 151 23.83 -14.61 4.54
C PRO A 151 22.50 -15.04 3.89
N GLU A 152 21.78 -14.08 3.30
CA GLU A 152 20.54 -14.39 2.60
C GLU A 152 20.76 -15.45 1.53
N LEU A 153 21.79 -15.25 0.70
CA LEU A 153 22.13 -16.17 -0.39
C LEU A 153 22.63 -17.51 0.13
N GLN A 154 23.47 -17.50 1.17
CA GLN A 154 23.91 -18.76 1.77
C GLN A 154 22.75 -19.62 2.26
N GLN A 155 21.74 -18.99 2.86
CA GLN A 155 20.62 -19.74 3.38
C GLN A 155 19.90 -20.48 2.22
N LYS A 156 19.73 -19.78 1.12
CA LYS A 156 19.06 -20.38 -0.04
C LYS A 156 19.85 -21.56 -0.62
N PHE A 157 21.15 -21.37 -0.77
CA PHE A 157 22.01 -22.38 -1.37
C PHE A 157 22.27 -23.59 -0.48
N ARG A 158 22.13 -23.43 0.84
CA ARG A 158 22.30 -24.56 1.74
C ARG A 158 21.00 -25.30 2.04
N SER A 159 19.89 -24.73 1.58
CA SER A 159 18.56 -25.29 1.85
C SER A 159 18.41 -26.74 1.41
N GLU A 160 17.71 -27.48 2.23
CA GLU A 160 17.44 -28.83 1.94
C GLU A 160 16.20 -29.08 1.10
N THR A 161 15.55 -27.98 0.83
CA THR A 161 14.29 -28.02 0.12
C THR A 161 14.29 -27.19 -1.16
N ILE A 162 15.44 -26.61 -1.50
CA ILE A 162 15.53 -25.81 -2.74
C ILE A 162 15.16 -26.66 -3.96
N THR A 163 14.48 -26.05 -4.91
CA THR A 163 14.07 -26.73 -6.13
C THR A 163 14.97 -26.35 -7.30
N GLU A 164 14.95 -27.15 -8.36
CA GLU A 164 15.78 -26.87 -9.54
C GLU A 164 15.38 -25.51 -10.11
N GLU A 165 14.09 -25.23 -10.10
CA GLU A 165 13.61 -23.97 -10.70
C GLU A 165 14.04 -22.74 -9.88
N GLU A 166 14.07 -22.89 -8.56
CA GLU A 166 14.61 -21.84 -7.70
C GLU A 166 16.08 -21.61 -7.98
N LEU A 167 16.83 -22.70 -8.06
CA LEU A 167 18.26 -22.59 -8.36
C LEU A 167 18.52 -21.91 -9.70
N VAL A 168 17.76 -22.30 -10.73
CA VAL A 168 17.89 -21.69 -12.06
C VAL A 168 17.66 -20.19 -11.96
N GLY A 169 16.65 -19.80 -11.23
CA GLY A 169 16.40 -18.38 -11.02
C GLY A 169 17.54 -17.66 -10.31
N LEU A 170 18.21 -18.31 -9.37
CA LEU A 170 19.29 -17.66 -8.65
C LEU A 170 20.54 -17.56 -9.53
N MET A 171 20.77 -18.56 -10.37
CA MET A 171 21.93 -18.54 -11.26
C MET A 171 21.75 -17.45 -12.31
N ASN A 172 20.55 -17.36 -12.89
CA ASN A 172 20.26 -16.29 -13.84
C ASN A 172 20.32 -14.89 -13.21
N LYS A 173 19.85 -14.77 -11.97
CA LYS A 173 19.99 -13.52 -11.22
C LYS A 173 21.44 -13.06 -11.06
N PHE A 174 22.36 -13.98 -10.76
CA PHE A 174 23.76 -13.61 -10.69
C PHE A 174 24.20 -13.00 -12.02
N VAL A 175 23.87 -13.66 -13.12
CA VAL A 175 24.31 -13.21 -14.43
C VAL A 175 23.69 -11.83 -14.74
N GLU A 176 22.40 -11.67 -14.45
CA GLU A 176 21.74 -10.38 -14.67
C GLU A 176 22.36 -9.31 -13.79
N ASP A 177 22.63 -9.63 -12.52
CA ASP A 177 23.18 -8.62 -11.61
C ASP A 177 24.57 -8.14 -12.05
N THR A 178 25.37 -9.02 -12.63
CA THR A 178 26.67 -8.59 -13.14
C THR A 178 26.50 -7.65 -14.34
N LYS A 179 25.53 -7.92 -15.17
CA LYS A 179 25.24 -7.06 -16.32
C LYS A 179 24.77 -5.68 -15.90
N LYS A 180 23.95 -5.63 -14.87
CA LYS A 180 23.47 -4.36 -14.31
C LYS A 180 24.52 -3.68 -13.43
N GLY A 181 25.66 -4.35 -13.23
CA GLY A 181 26.77 -3.81 -12.46
C GLY A 181 26.47 -3.69 -10.98
N VAL A 182 25.68 -4.62 -10.46
CA VAL A 182 25.15 -4.50 -9.12
C VAL A 182 25.36 -5.80 -8.31
N HIS A 183 26.24 -6.68 -8.81
CA HIS A 183 26.39 -7.99 -8.19
C HIS A 183 26.96 -7.96 -6.77
N GLN A 184 27.87 -7.04 -6.51
CA GLN A 184 28.44 -6.85 -5.17
C GLN A 184 27.36 -6.47 -4.17
N LYS A 185 26.58 -5.49 -4.54
CA LYS A 185 25.50 -4.98 -3.70
C LYS A 185 24.44 -6.05 -3.42
N GLU A 186 24.21 -6.91 -4.40
CA GLU A 186 23.19 -7.96 -4.27
C GLU A 186 23.69 -9.20 -3.54
N GLY A 187 24.92 -9.16 -3.05
CA GLY A 187 25.40 -10.20 -2.16
C GLY A 187 26.21 -11.30 -2.79
N TRP A 188 26.59 -11.12 -4.07
CA TRP A 188 27.29 -12.17 -4.79
C TRP A 188 28.80 -12.05 -4.63
N PRO A 189 29.52 -13.17 -4.77
CA PRO A 189 30.98 -13.09 -4.69
C PRO A 189 31.59 -12.68 -6.02
N SER A 190 32.92 -12.52 -6.04
CA SER A 190 33.62 -11.95 -7.19
C SER A 190 34.14 -13.00 -8.18
N SER A 191 33.89 -14.28 -7.93
CA SER A 191 34.31 -15.29 -8.88
C SER A 191 33.12 -15.83 -9.65
N ALA A 192 33.06 -15.53 -10.95
CA ALA A 192 31.99 -16.06 -11.78
C ALA A 192 32.06 -17.58 -11.78
N TYR A 193 33.25 -18.11 -12.03
CA TYR A 193 33.47 -19.55 -12.02
C TYR A 193 32.93 -20.17 -10.74
N GLY A 194 33.27 -19.58 -9.60
CA GLY A 194 32.84 -20.07 -8.31
C GLY A 194 31.34 -20.20 -8.19
N VAL A 195 30.64 -19.15 -8.62
CA VAL A 195 29.19 -19.15 -8.58
C VAL A 195 28.59 -20.24 -9.49
N THR A 196 29.17 -20.46 -10.66
CA THR A 196 28.65 -21.52 -11.54
C THR A 196 28.84 -22.89 -10.88
N LYS A 197 29.90 -23.03 -10.10
CA LYS A 197 30.12 -24.30 -9.40
C LYS A 197 29.23 -24.46 -8.17
N ILE A 198 28.82 -23.36 -7.53
CA ILE A 198 27.70 -23.43 -6.58
C ILE A 198 26.49 -24.08 -7.28
N GLY A 199 26.19 -23.61 -8.49
CA GLY A 199 25.09 -24.18 -9.25
C GLY A 199 25.25 -25.68 -9.44
N VAL A 200 26.44 -26.12 -9.80
CA VAL A 200 26.69 -27.54 -10.01
C VAL A 200 26.53 -28.34 -8.73
N THR A 201 27.11 -27.85 -7.65
CA THR A 201 27.01 -28.53 -6.37
C THR A 201 25.57 -28.63 -5.90
N VAL A 202 24.85 -27.52 -5.98
CA VAL A 202 23.47 -27.51 -5.48
C VAL A 202 22.56 -28.32 -6.39
N LEU A 203 22.81 -28.27 -7.69
CA LEU A 203 22.04 -29.09 -8.63
C LEU A 203 22.22 -30.57 -8.30
N SER A 204 23.41 -30.96 -7.85
CA SER A 204 23.65 -32.34 -7.47
C SER A 204 22.80 -32.71 -6.25
N ARG A 205 22.76 -31.83 -5.27
CA ARG A 205 21.92 -32.05 -4.08
C ARG A 205 20.46 -32.21 -4.47
N ILE A 206 19.98 -31.35 -5.36
CA ILE A 206 18.59 -31.42 -5.81
C ILE A 206 18.29 -32.75 -6.52
N HIS A 207 19.16 -33.12 -7.45
CA HIS A 207 18.92 -34.33 -8.23
C HIS A 207 19.04 -35.61 -7.39
N ALA A 208 19.87 -35.59 -6.36
CA ALA A 208 19.97 -36.77 -5.52
C ALA A 208 18.66 -36.94 -4.75
N ARG A 209 18.09 -35.82 -4.35
CA ARG A 209 16.81 -35.87 -3.68
C ARG A 209 15.74 -36.39 -4.61
N LYS A 210 15.79 -35.94 -5.83
CA LYS A 210 14.77 -36.32 -6.80
C LYS A 210 14.85 -37.81 -7.09
N LEU A 211 16.07 -38.34 -7.17
CA LEU A 211 16.24 -39.79 -7.35
C LEU A 211 15.68 -40.58 -6.17
N SER A 212 15.87 -40.07 -4.95
CA SER A 212 15.39 -40.78 -3.78
C SER A 212 13.86 -40.81 -3.76
N GLU A 213 13.23 -39.81 -4.36
CA GLU A 213 11.77 -39.74 -4.29
C GLU A 213 11.05 -40.33 -5.51
N GLN A 214 11.74 -40.40 -6.63
CA GLN A 214 11.13 -40.91 -7.86
C GLN A 214 11.61 -42.32 -8.17
N ARG A 215 12.76 -42.70 -7.61
CA ARG A 215 13.38 -43.99 -7.93
C ARG A 215 13.90 -44.70 -6.70
N LYS A 216 13.07 -44.68 -5.65
CA LYS A 216 13.37 -45.43 -4.45
C LYS A 216 13.52 -46.89 -4.84
N GLY A 217 14.54 -47.54 -4.31
CA GLY A 217 14.77 -48.94 -4.61
C GLY A 217 15.72 -49.18 -5.78
N ASP A 218 15.97 -48.16 -6.60
CA ASP A 218 16.83 -48.36 -7.78
C ASP A 218 18.32 -48.20 -7.47
N LYS A 219 18.62 -47.84 -6.22
CA LYS A 219 20.01 -47.85 -5.72
C LYS A 219 20.99 -47.01 -6.54
N ILE A 220 20.50 -45.94 -7.15
CA ILE A 220 21.34 -45.00 -7.88
C ILE A 220 21.97 -44.01 -6.92
N LEU A 221 23.24 -43.68 -7.15
CA LEU A 221 23.94 -42.71 -6.30
C LEU A 221 24.47 -41.57 -7.15
N LEU A 222 24.26 -40.35 -6.70
CA LEU A 222 24.67 -39.17 -7.46
C LEU A 222 25.34 -38.22 -6.49
N ASN A 223 26.51 -37.70 -6.88
CA ASN A 223 27.27 -36.82 -6.00
C ASN A 223 27.98 -35.76 -6.80
N ALA A 224 28.30 -34.64 -6.14
CA ALA A 224 29.21 -33.66 -6.71
C ALA A 224 30.60 -33.90 -6.15
N CYS A 225 31.64 -33.47 -6.86
CA CYS A 225 32.98 -33.63 -6.32
C CYS A 225 33.97 -32.57 -6.74
N CYS A 226 35.06 -32.44 -5.99
CA CYS A 226 36.17 -31.60 -6.43
C CYS A 226 37.34 -32.54 -6.68
N PRO A 227 37.97 -32.42 -7.84
CA PRO A 227 39.10 -33.29 -8.20
C PRO A 227 40.40 -32.79 -7.59
N GLY A 228 40.36 -31.63 -6.93
CA GLY A 228 41.57 -31.01 -6.43
C GLY A 228 42.17 -30.06 -7.48
N TRP A 229 43.36 -29.56 -7.18
CA TRP A 229 44.03 -28.59 -8.05
C TRP A 229 44.94 -29.34 -9.02
N VAL A 230 44.55 -29.38 -10.29
CA VAL A 230 45.10 -30.33 -11.25
C VAL A 230 45.78 -29.62 -12.42
N ARG A 231 46.96 -30.09 -12.81
CA ARG A 231 47.68 -29.52 -13.95
C ARG A 231 46.99 -29.88 -15.26
N THR A 232 46.18 -28.95 -15.75
CA THR A 232 45.49 -29.08 -17.03
C THR A 232 45.57 -27.74 -17.74
N ASP A 233 44.96 -27.67 -18.91
CA ASP A 233 44.94 -26.41 -19.65
C ASP A 233 44.12 -25.37 -18.89
N MET A 234 43.24 -25.83 -17.99
CA MET A 234 42.44 -24.90 -17.21
C MET A 234 43.26 -24.24 -16.10
N ALA A 235 43.94 -25.06 -15.30
CA ALA A 235 44.65 -24.55 -14.13
C ALA A 235 46.08 -24.12 -14.41
N GLY A 236 46.71 -24.74 -15.40
CA GLY A 236 48.11 -24.45 -15.70
C GLY A 236 49.05 -25.32 -14.90
N PRO A 237 50.36 -25.08 -15.03
CA PRO A 237 51.37 -26.00 -14.49
C PRO A 237 51.75 -25.82 -13.01
N LYS A 238 51.28 -24.77 -12.35
CA LYS A 238 51.63 -24.58 -10.93
C LYS A 238 50.83 -25.50 -10.02
N ALA A 239 49.78 -26.12 -10.56
CA ALA A 239 48.90 -26.99 -9.79
C ALA A 239 49.65 -28.20 -9.22
N THR A 240 49.11 -28.77 -8.14
CA THR A 240 49.81 -29.83 -7.41
C THR A 240 49.51 -31.27 -7.84
N LYS A 241 48.42 -31.50 -8.56
CA LYS A 241 48.05 -32.85 -8.97
C LYS A 241 48.20 -33.08 -10.46
N SER A 242 48.55 -34.31 -10.83
CA SER A 242 48.49 -34.74 -12.22
C SER A 242 47.03 -35.02 -12.55
N PRO A 243 46.67 -35.02 -13.84
CA PRO A 243 45.30 -35.40 -14.19
C PRO A 243 44.92 -36.79 -13.66
N GLU A 244 45.86 -37.71 -13.64
CA GLU A 244 45.59 -39.06 -13.12
C GLU A 244 45.22 -38.98 -11.64
N GLU A 245 45.88 -38.12 -10.90
CA GLU A 245 45.56 -37.94 -9.49
C GLU A 245 44.21 -37.23 -9.35
N GLY A 246 43.97 -36.27 -10.24
CA GLY A 246 42.70 -35.55 -10.23
C GLY A 246 41.50 -36.44 -10.48
N ALA A 247 41.70 -37.52 -11.24
CA ALA A 247 40.61 -38.41 -11.61
C ALA A 247 40.20 -39.35 -10.49
N GLU A 248 40.99 -39.42 -9.42
CA GLU A 248 40.77 -40.43 -8.37
C GLU A 248 39.41 -40.34 -7.67
N THR A 249 39.03 -39.16 -7.20
CA THR A 249 37.73 -39.00 -6.54
C THR A 249 36.54 -39.18 -7.51
N PRO A 250 36.60 -38.57 -8.71
CA PRO A 250 35.52 -38.86 -9.66
C PRO A 250 35.36 -40.35 -9.98
N VAL A 251 36.48 -41.06 -10.18
CA VAL A 251 36.38 -42.50 -10.46
C VAL A 251 35.83 -43.28 -9.26
N TYR A 252 36.25 -42.89 -8.06
CA TYR A 252 35.78 -43.51 -6.84
C TYR A 252 34.25 -43.42 -6.77
N LEU A 253 33.73 -42.24 -7.07
CA LEU A 253 32.29 -42.01 -7.06
C LEU A 253 31.54 -42.73 -8.18
N ALA A 254 32.22 -42.95 -9.29
CA ALA A 254 31.62 -43.64 -10.43
C ALA A 254 31.52 -45.14 -10.20
N LEU A 255 32.44 -45.67 -9.41
CA LEU A 255 32.55 -47.12 -9.25
C LEU A 255 32.16 -47.60 -7.86
N LEU A 256 31.43 -46.77 -7.09
CA LEU A 256 30.96 -47.20 -5.76
C LEU A 256 30.27 -48.56 -5.83
N PRO A 257 30.63 -49.48 -4.91
CA PRO A 257 30.14 -50.86 -5.05
C PRO A 257 28.63 -50.95 -5.07
N PRO A 258 28.08 -51.92 -5.82
CA PRO A 258 26.64 -52.12 -5.85
C PRO A 258 26.10 -52.28 -4.44
N ASP A 259 24.89 -51.79 -4.20
CA ASP A 259 24.21 -51.83 -2.90
C ASP A 259 24.71 -50.80 -1.86
N ALA A 260 25.70 -50.00 -2.21
CA ALA A 260 26.08 -48.89 -1.34
C ALA A 260 24.90 -47.94 -1.18
N GLU A 261 24.69 -47.42 0.02
CA GLU A 261 23.59 -46.49 0.29
C GLU A 261 24.06 -45.05 0.21
N GLY A 262 25.38 -44.88 0.18
CA GLY A 262 25.97 -43.56 0.13
C GLY A 262 27.38 -43.64 -0.42
N PRO A 263 28.07 -42.48 -0.54
CA PRO A 263 27.49 -41.15 -0.34
C PRO A 263 26.46 -40.86 -1.43
N HIS A 264 25.45 -40.03 -1.12
CA HIS A 264 24.44 -39.67 -2.10
C HIS A 264 24.03 -38.23 -1.82
N GLY A 265 24.08 -37.39 -2.85
CA GLY A 265 23.82 -35.96 -2.70
C GLY A 265 24.88 -35.21 -1.91
N GLN A 266 26.07 -35.78 -1.83
CA GLN A 266 27.16 -35.20 -1.04
C GLN A 266 28.15 -34.46 -1.94
N PHE A 267 28.93 -33.55 -1.34
CA PHE A 267 30.04 -32.91 -2.02
C PHE A 267 31.31 -33.57 -1.52
N VAL A 268 32.04 -34.22 -2.42
CA VAL A 268 33.12 -35.12 -2.02
C VAL A 268 34.48 -34.64 -2.53
N SER A 269 35.48 -34.64 -1.65
CA SER A 269 36.84 -34.23 -2.02
C SER A 269 37.78 -35.20 -1.32
N GLU A 270 38.78 -35.69 -2.06
CA GLU A 270 39.70 -36.72 -1.53
C GLU A 270 38.93 -37.91 -0.96
N LYS A 271 37.90 -38.36 -1.69
CA LYS A 271 37.02 -39.46 -1.28
C LYS A 271 36.26 -39.26 0.05
N ARG A 272 36.26 -38.04 0.59
CA ARG A 272 35.55 -37.77 1.83
C ARG A 272 34.49 -36.68 1.64
N VAL A 273 33.41 -36.75 2.41
CA VAL A 273 32.33 -35.76 2.33
C VAL A 273 32.78 -34.43 2.95
N GLU A 274 32.57 -33.34 2.22
CA GLU A 274 32.81 -32.00 2.75
C GLU A 274 31.46 -31.41 3.18
N GLN A 275 31.45 -30.67 4.28
CA GLN A 275 30.21 -30.04 4.71
C GLN A 275 29.80 -28.92 3.73
N TRP A 276 28.55 -28.93 3.30
CA TRP A 276 28.06 -27.87 2.43
C TRP A 276 27.31 -26.86 3.30
N SER B 2 -9.63 2.49 5.09
CA SER B 2 -9.02 2.30 6.40
C SER B 2 -7.54 1.93 6.23
N GLY B 3 -7.12 0.79 6.75
CA GLY B 3 -5.77 0.39 6.50
C GLY B 3 -5.57 -0.31 5.16
N ILE B 4 -4.35 -0.74 5.03
CA ILE B 4 -3.75 -1.50 3.92
C ILE B 4 -4.26 -2.93 3.81
N HIS B 5 -4.68 -3.29 2.60
CA HIS B 5 -5.12 -4.64 2.28
C HIS B 5 -4.14 -5.20 1.29
N VAL B 6 -3.97 -6.52 1.31
CA VAL B 6 -3.01 -7.15 0.42
C VAL B 6 -3.60 -8.39 -0.21
N ALA B 7 -3.32 -8.58 -1.51
CA ALA B 7 -3.79 -9.74 -2.26
C ALA B 7 -2.57 -10.43 -2.83
N LEU B 8 -2.59 -11.75 -2.90
CA LEU B 8 -1.41 -12.47 -3.38
C LEU B 8 -1.80 -13.56 -4.36
N VAL B 9 -1.03 -13.68 -5.45
CA VAL B 9 -1.27 -14.73 -6.44
C VAL B 9 -0.03 -15.60 -6.59
N THR B 10 -0.22 -16.92 -6.55
CA THR B 10 0.89 -17.84 -6.79
C THR B 10 0.97 -18.19 -8.27
N GLY B 11 2.17 -18.49 -8.76
CA GLY B 11 2.36 -18.70 -10.19
C GLY B 11 1.88 -17.50 -10.98
N GLY B 12 2.35 -16.30 -10.61
CA GLY B 12 1.87 -15.09 -11.22
C GLY B 12 2.67 -14.53 -12.39
N ASN B 13 3.75 -15.21 -12.77
CA ASN B 13 4.64 -14.63 -13.79
C ASN B 13 4.17 -14.80 -15.23
N LYS B 14 3.26 -15.72 -15.47
CA LYS B 14 2.71 -15.94 -16.81
C LYS B 14 1.33 -16.59 -16.74
N GLY B 15 0.68 -16.72 -17.90
CA GLY B 15 -0.53 -17.50 -17.99
C GLY B 15 -1.72 -16.87 -17.28
N ILE B 16 -2.58 -17.72 -16.72
CA ILE B 16 -3.77 -17.24 -16.01
C ILE B 16 -3.36 -16.41 -14.80
N GLY B 17 -2.30 -16.82 -14.12
CA GLY B 17 -1.83 -16.13 -12.93
C GLY B 17 -1.48 -14.69 -13.23
N LEU B 18 -0.77 -14.45 -14.32
CA LEU B 18 -0.37 -13.08 -14.65
C LEU B 18 -1.60 -12.24 -14.93
N ALA B 19 -2.58 -12.83 -15.61
CA ALA B 19 -3.83 -12.14 -15.93
C ALA B 19 -4.63 -11.79 -14.68
N ILE B 20 -4.62 -12.70 -13.71
CA ILE B 20 -5.26 -12.45 -12.41
C ILE B 20 -4.55 -11.29 -11.71
N VAL B 21 -3.22 -11.30 -11.74
CA VAL B 21 -2.46 -10.21 -11.11
C VAL B 21 -2.80 -8.87 -11.77
N ARG B 22 -2.83 -8.86 -13.10
CA ARG B 22 -3.20 -7.64 -13.83
C ARG B 22 -4.58 -7.13 -13.40
N ASP B 23 -5.57 -8.02 -13.37
CA ASP B 23 -6.93 -7.64 -12.94
C ASP B 23 -6.99 -7.12 -11.52
N LEU B 24 -6.31 -7.81 -10.60
CA LEU B 24 -6.28 -7.37 -9.20
C LEU B 24 -5.60 -6.02 -9.05
N CYS B 25 -4.57 -5.74 -9.85
CA CYS B 25 -3.90 -4.44 -9.75
C CYS B 25 -4.88 -3.34 -10.14
N ARG B 26 -5.76 -3.66 -11.05
CA ARG B 26 -6.73 -2.67 -11.49
C ARG B 26 -7.90 -2.52 -10.51
N LEU B 27 -8.33 -3.63 -9.88
CA LEU B 27 -9.60 -3.71 -9.14
C LEU B 27 -9.50 -3.80 -7.60
N PHE B 28 -8.33 -4.22 -7.11
CA PHE B 28 -8.12 -4.42 -5.66
C PHE B 28 -7.40 -3.21 -5.05
N SER B 29 -8.02 -2.56 -4.07
CA SER B 29 -7.38 -1.39 -3.46
C SER B 29 -6.41 -1.80 -2.37
N GLY B 30 -5.12 -1.61 -2.65
CA GLY B 30 -4.08 -2.03 -1.72
C GLY B 30 -2.86 -2.55 -2.46
N ASP B 31 -2.14 -3.47 -1.83
CA ASP B 31 -0.99 -4.09 -2.47
C ASP B 31 -1.44 -5.39 -3.14
N VAL B 32 -0.92 -5.64 -4.34
CA VAL B 32 -1.13 -6.91 -5.01
C VAL B 32 0.23 -7.54 -5.17
N VAL B 33 0.42 -8.71 -4.57
CA VAL B 33 1.73 -9.35 -4.65
C VAL B 33 1.78 -10.43 -5.72
N LEU B 34 2.62 -10.21 -6.73
CA LEU B 34 2.89 -11.23 -7.73
C LEU B 34 4.00 -12.08 -7.16
N THR B 35 3.78 -13.39 -7.11
CA THR B 35 4.84 -14.30 -6.70
C THR B 35 5.21 -15.23 -7.84
N ALA B 36 6.47 -15.67 -7.85
CA ALA B 36 6.95 -16.61 -8.85
C ALA B 36 8.08 -17.41 -8.25
N ARG B 37 8.29 -18.62 -8.74
CA ARG B 37 9.36 -19.46 -8.17
C ARG B 37 10.72 -19.03 -8.70
N ASP B 38 10.72 -18.49 -9.91
CA ASP B 38 11.93 -17.99 -10.54
C ASP B 38 11.97 -16.47 -10.39
N VAL B 39 12.90 -15.97 -9.57
CA VAL B 39 12.96 -14.54 -9.30
C VAL B 39 13.18 -13.73 -10.57
N THR B 40 13.93 -14.28 -11.52
CA THR B 40 14.18 -13.58 -12.78
C THR B 40 12.90 -13.41 -13.60
N ARG B 41 12.15 -14.51 -13.80
CA ARG B 41 10.87 -14.42 -14.49
C ARG B 41 9.87 -13.56 -13.74
N GLY B 42 9.90 -13.65 -12.41
CA GLY B 42 8.99 -12.87 -11.58
C GLY B 42 9.20 -11.37 -11.73
N GLN B 43 10.46 -10.95 -11.72
CA GLN B 43 10.76 -9.52 -11.85
C GLN B 43 10.51 -9.01 -13.26
N ALA B 44 10.72 -9.85 -14.26
CA ALA B 44 10.40 -9.48 -15.63
C ALA B 44 8.91 -9.27 -15.79
N ALA B 45 8.12 -10.11 -15.12
CA ALA B 45 6.67 -9.99 -15.16
C ALA B 45 6.21 -8.69 -14.50
N VAL B 46 6.84 -8.34 -13.39
CA VAL B 46 6.54 -7.10 -12.70
C VAL B 46 6.89 -5.89 -13.59
N GLN B 47 8.05 -5.94 -14.24
CA GLN B 47 8.46 -4.89 -15.18
C GLN B 47 7.44 -4.70 -16.29
N GLN B 48 6.93 -5.81 -16.83
CA GLN B 48 5.91 -5.78 -17.87
C GLN B 48 4.66 -5.04 -17.40
N LEU B 49 4.21 -5.34 -16.19
CA LEU B 49 3.02 -4.68 -15.65
C LEU B 49 3.35 -3.23 -15.33
N GLN B 50 4.58 -2.96 -14.93
CA GLN B 50 4.97 -1.59 -14.61
C GLN B 50 4.92 -0.72 -15.87
N ALA B 51 5.28 -1.31 -17.01
CA ALA B 51 5.18 -0.62 -18.30
C ALA B 51 3.73 -0.27 -18.65
N GLU B 52 2.78 -0.98 -18.05
CA GLU B 52 1.37 -0.77 -18.32
C GLU B 52 0.73 0.20 -17.33
N GLY B 53 1.50 0.67 -16.36
CA GLY B 53 0.98 1.64 -15.40
C GLY B 53 0.56 1.05 -14.08
N LEU B 54 0.79 -0.26 -13.91
CA LEU B 54 0.42 -0.94 -12.68
C LEU B 54 1.63 -1.06 -11.75
N SER B 55 1.38 -1.29 -10.46
CA SER B 55 2.46 -1.33 -9.47
C SER B 55 2.41 -2.54 -8.55
N PRO B 56 2.49 -3.76 -9.09
CA PRO B 56 2.47 -4.93 -8.21
C PRO B 56 3.75 -5.03 -7.39
N ARG B 57 3.64 -5.62 -6.21
CA ARG B 57 4.78 -5.97 -5.37
C ARG B 57 5.27 -7.33 -5.85
N PHE B 58 6.48 -7.71 -5.46
CA PHE B 58 6.96 -9.04 -5.81
C PHE B 58 7.48 -9.78 -4.59
N HIS B 59 7.25 -11.09 -4.55
CA HIS B 59 7.93 -11.93 -3.57
C HIS B 59 8.15 -13.31 -4.16
N GLN B 60 9.31 -13.90 -3.90
CA GLN B 60 9.57 -15.21 -4.45
C GLN B 60 8.67 -16.23 -3.77
N LEU B 61 8.19 -17.21 -4.54
CA LEU B 61 7.47 -18.35 -3.96
C LEU B 61 7.46 -19.56 -4.87
N ASP B 62 8.03 -20.66 -4.38
CA ASP B 62 7.90 -21.96 -5.04
C ASP B 62 7.07 -22.85 -4.13
N ILE B 63 5.90 -23.28 -4.57
CA ILE B 63 5.03 -24.02 -3.67
C ILE B 63 5.51 -25.45 -3.40
N ASP B 64 6.56 -25.87 -4.10
CA ASP B 64 7.21 -27.16 -3.80
C ASP B 64 8.23 -27.07 -2.67
N ASP B 65 8.48 -25.86 -2.18
CA ASP B 65 9.56 -25.61 -1.22
C ASP B 65 9.00 -25.04 0.07
N LEU B 66 8.89 -25.88 1.09
CA LEU B 66 8.31 -25.46 2.36
C LEU B 66 9.05 -24.26 2.97
N GLN B 67 10.36 -24.17 2.74
CA GLN B 67 11.10 -23.03 3.27
C GLN B 67 10.76 -21.74 2.53
N SER B 68 10.40 -21.86 1.25
CA SER B 68 9.98 -20.70 0.46
C SER B 68 8.61 -20.23 0.93
N ILE B 69 7.72 -21.18 1.13
CA ILE B 69 6.38 -20.89 1.66
C ILE B 69 6.48 -20.23 3.03
N ARG B 70 7.31 -20.79 3.92
CA ARG B 70 7.45 -20.22 5.26
C ARG B 70 8.12 -18.84 5.27
N ALA B 71 9.10 -18.61 4.40
CA ALA B 71 9.64 -17.26 4.26
C ALA B 71 8.55 -16.26 3.84
N LEU B 72 7.65 -16.67 2.94
CA LEU B 72 6.56 -15.80 2.50
C LEU B 72 5.60 -15.53 3.63
N ARG B 73 5.27 -16.58 4.38
CA ARG B 73 4.42 -16.47 5.56
C ARG B 73 4.97 -15.40 6.51
N ASP B 74 6.27 -15.49 6.79
CA ASP B 74 6.91 -14.59 7.74
C ASP B 74 6.95 -13.16 7.21
N PHE B 75 7.18 -13.04 5.91
CA PHE B 75 7.18 -11.73 5.27
C PHE B 75 5.81 -11.08 5.38
N LEU B 76 4.75 -11.85 5.11
CA LEU B 76 3.39 -11.32 5.17
C LEU B 76 3.00 -10.87 6.58
N ARG B 77 3.37 -11.68 7.57
CA ARG B 77 3.10 -11.34 8.96
C ARG B 77 3.76 -10.03 9.34
N LYS B 78 5.03 -9.90 9.01
CA LYS B 78 5.79 -8.71 9.34
C LYS B 78 5.26 -7.46 8.62
N GLU B 79 5.16 -7.55 7.29
CA GLU B 79 4.78 -6.39 6.48
C GLU B 79 3.31 -6.00 6.59
N TYR B 80 2.42 -6.99 6.69
CA TYR B 80 0.97 -6.73 6.60
C TYR B 80 0.15 -7.19 7.80
N GLY B 81 0.71 -8.05 8.64
CA GLY B 81 -0.05 -8.63 9.74
C GLY B 81 -1.02 -9.72 9.31
N GLY B 82 -0.86 -10.20 8.08
CA GLY B 82 -1.77 -11.20 7.55
C GLY B 82 -1.97 -11.04 6.06
N LEU B 83 -3.09 -11.55 5.56
CA LEU B 83 -3.38 -11.57 4.12
C LEU B 83 -4.87 -11.45 3.90
N ASP B 84 -5.27 -10.63 2.93
CA ASP B 84 -6.69 -10.46 2.67
C ASP B 84 -7.19 -11.38 1.56
N VAL B 85 -6.42 -11.52 0.50
CA VAL B 85 -6.80 -12.37 -0.64
C VAL B 85 -5.65 -13.30 -1.03
N LEU B 86 -5.97 -14.58 -1.17
CA LEU B 86 -5.01 -15.58 -1.61
C LEU B 86 -5.54 -16.31 -2.85
N VAL B 87 -4.80 -16.24 -3.95
CA VAL B 87 -5.15 -17.03 -5.12
C VAL B 87 -4.12 -18.12 -5.35
N ASN B 88 -4.50 -19.37 -5.09
CA ASN B 88 -3.61 -20.50 -5.34
C ASN B 88 -3.75 -20.94 -6.80
N ASN B 89 -2.88 -20.40 -7.66
CA ASN B 89 -3.01 -20.58 -9.10
C ASN B 89 -1.94 -21.52 -9.68
N ALA B 90 -0.77 -21.51 -9.07
CA ALA B 90 0.37 -22.33 -9.51
C ALA B 90 -0.07 -23.78 -9.78
N GLY B 91 0.36 -24.31 -10.92
CA GLY B 91 0.02 -25.67 -11.29
C GLY B 91 0.82 -26.11 -12.49
N ILE B 92 0.96 -27.43 -12.64
CA ILE B 92 1.69 -28.01 -13.75
C ILE B 92 0.89 -29.17 -14.35
N ALA B 93 1.24 -29.52 -15.57
CA ALA B 93 0.66 -30.66 -16.26
C ALA B 93 1.67 -31.19 -17.28
N PHE B 94 1.79 -32.51 -17.39
CA PHE B 94 2.57 -33.10 -18.45
C PHE B 94 1.70 -33.10 -19.70
N LYS B 95 2.31 -33.07 -20.88
CA LYS B 95 1.54 -33.16 -22.12
C LYS B 95 0.75 -34.47 -22.22
N VAL B 96 -0.36 -34.45 -22.97
CA VAL B 96 -1.19 -35.64 -23.15
C VAL B 96 -0.34 -36.81 -23.67
N ALA B 97 0.62 -36.49 -24.54
CA ALA B 97 1.45 -37.51 -25.16
C ALA B 97 2.91 -37.46 -24.72
N ASP B 98 3.14 -36.99 -23.49
CA ASP B 98 4.49 -36.99 -22.92
C ASP B 98 4.96 -38.43 -22.66
N PRO B 99 6.18 -38.76 -23.08
CA PRO B 99 6.65 -40.14 -22.91
C PRO B 99 7.15 -40.47 -21.51
N THR B 100 7.20 -39.48 -20.61
CA THR B 100 7.61 -39.70 -19.23
C THR B 100 6.74 -40.81 -18.61
N PRO B 101 7.37 -41.76 -17.90
CA PRO B 101 6.62 -42.87 -17.30
C PRO B 101 5.44 -42.35 -16.47
N PHE B 102 4.28 -42.97 -16.63
CA PHE B 102 3.06 -42.47 -16.01
C PHE B 102 3.18 -42.32 -14.50
N HIS B 103 3.88 -43.25 -13.85
CA HIS B 103 3.99 -43.17 -12.41
C HIS B 103 4.84 -41.98 -11.97
N ILE B 104 5.76 -41.55 -12.83
CA ILE B 104 6.54 -40.36 -12.53
C ILE B 104 5.68 -39.12 -12.78
N GLN B 105 4.88 -39.13 -13.85
CA GLN B 105 3.94 -38.05 -14.08
C GLN B 105 3.01 -37.90 -12.88
N ALA B 106 2.53 -39.02 -12.35
CA ALA B 106 1.66 -38.97 -11.19
C ALA B 106 2.37 -38.38 -9.98
N GLU B 107 3.59 -38.83 -9.70
CA GLU B 107 4.30 -38.33 -8.52
C GLU B 107 4.63 -36.85 -8.65
N VAL B 108 5.09 -36.44 -9.82
CA VAL B 108 5.55 -35.06 -10.00
C VAL B 108 4.36 -34.09 -10.04
N THR B 109 3.31 -34.47 -10.76
CA THR B 109 2.13 -33.63 -10.83
C THR B 109 1.44 -33.49 -9.46
N MET B 110 1.34 -34.59 -8.72
CA MET B 110 0.74 -34.54 -7.38
C MET B 110 1.57 -33.68 -6.43
N LYS B 111 2.89 -33.81 -6.51
CA LYS B 111 3.77 -33.05 -5.62
C LYS B 111 3.50 -31.56 -5.71
N THR B 112 3.27 -31.05 -6.91
CA THR B 112 2.99 -29.63 -7.06
C THR B 112 1.53 -29.31 -6.83
N ASN B 113 0.65 -29.88 -7.64
CA ASN B 113 -0.75 -29.43 -7.69
C ASN B 113 -1.51 -29.69 -6.40
N PHE B 114 -1.25 -30.82 -5.76
CA PHE B 114 -1.94 -31.09 -4.51
C PHE B 114 -1.09 -30.77 -3.28
N PHE B 115 0.08 -31.38 -3.16
CA PHE B 115 0.87 -31.19 -1.95
C PHE B 115 1.43 -29.79 -1.79
N GLY B 116 1.81 -29.16 -2.90
CA GLY B 116 2.30 -27.80 -2.83
C GLY B 116 1.18 -26.85 -2.45
N THR B 117 0.04 -27.00 -3.11
CA THR B 117 -1.14 -26.18 -2.83
C THR B 117 -1.54 -26.37 -1.38
N ARG B 118 -1.55 -27.64 -0.93
CA ARG B 118 -1.85 -27.96 0.45
C ARG B 118 -0.92 -27.25 1.44
N ASP B 119 0.39 -27.29 1.17
CA ASP B 119 1.34 -26.62 2.05
C ASP B 119 1.15 -25.11 2.12
N VAL B 120 0.87 -24.48 0.99
CA VAL B 120 0.57 -23.05 1.01
C VAL B 120 -0.64 -22.78 1.89
N CYS B 121 -1.67 -23.60 1.76
CA CYS B 121 -2.86 -23.42 2.59
C CYS B 121 -2.56 -23.63 4.06
N THR B 122 -1.82 -24.68 4.37
CA THR B 122 -1.45 -24.96 5.76
C THR B 122 -0.78 -23.75 6.41
N GLU B 123 0.15 -23.13 5.68
CA GLU B 123 0.93 -22.02 6.18
C GLU B 123 0.27 -20.66 6.10
N LEU B 124 -0.56 -20.42 5.08
CA LEU B 124 -1.12 -19.10 4.87
C LEU B 124 -2.56 -18.93 5.35
N LEU B 125 -3.35 -20.00 5.37
CA LEU B 125 -4.72 -19.87 5.91
C LEU B 125 -4.81 -19.21 7.28
N PRO B 126 -3.91 -19.55 8.23
CA PRO B 126 -3.99 -18.86 9.54
C PRO B 126 -3.83 -17.33 9.45
N LEU B 127 -3.25 -16.85 8.35
CA LEU B 127 -2.97 -15.44 8.16
C LEU B 127 -4.12 -14.68 7.52
N ILE B 128 -5.09 -15.40 6.95
CA ILE B 128 -6.21 -14.74 6.25
C ILE B 128 -7.04 -13.88 7.23
N LYS B 129 -7.29 -12.63 6.85
CA LYS B 129 -7.99 -11.69 7.70
C LYS B 129 -9.51 -11.81 7.56
N PRO B 130 -10.26 -11.28 8.55
CA PRO B 130 -11.72 -11.20 8.39
C PRO B 130 -12.10 -10.58 7.04
N GLN B 131 -13.19 -11.07 6.45
CA GLN B 131 -13.64 -10.68 5.11
C GLN B 131 -12.65 -11.06 4.01
N GLY B 132 -11.71 -11.94 4.34
CA GLY B 132 -10.74 -12.40 3.36
C GLY B 132 -11.35 -13.38 2.38
N ARG B 133 -10.66 -13.59 1.26
CA ARG B 133 -11.09 -14.56 0.27
C ARG B 133 -9.93 -15.41 -0.18
N VAL B 134 -10.21 -16.70 -0.38
CA VAL B 134 -9.21 -17.65 -0.84
C VAL B 134 -9.78 -18.35 -2.07
N VAL B 135 -8.98 -18.40 -3.13
CA VAL B 135 -9.43 -18.99 -4.38
C VAL B 135 -8.43 -20.05 -4.81
N ASN B 136 -8.88 -21.30 -4.88
CA ASN B 136 -8.01 -22.37 -5.36
C ASN B 136 -8.36 -22.70 -6.80
N VAL B 137 -7.40 -22.50 -7.70
CA VAL B 137 -7.62 -22.81 -9.12
C VAL B 137 -7.50 -24.31 -9.35
N SER B 138 -8.65 -24.93 -9.56
CA SER B 138 -8.72 -26.34 -9.88
C SER B 138 -8.94 -26.46 -11.38
N SER B 139 -9.76 -27.41 -11.79
CA SER B 139 -10.04 -27.59 -13.21
C SER B 139 -11.28 -28.43 -13.35
N ILE B 140 -12.03 -28.23 -14.43
CA ILE B 140 -13.17 -29.10 -14.70
C ILE B 140 -12.69 -30.53 -14.91
N MET B 141 -11.42 -30.70 -15.24
CA MET B 141 -10.80 -32.02 -15.30
C MET B 141 -10.96 -32.78 -13.98
N SER B 142 -11.15 -32.06 -12.88
CA SER B 142 -11.40 -32.71 -11.59
C SER B 142 -12.75 -33.45 -11.58
N VAL B 143 -13.76 -32.84 -12.21
CA VAL B 143 -15.10 -33.44 -12.26
C VAL B 143 -15.08 -34.62 -13.21
N ARG B 144 -14.35 -34.45 -14.30
CA ARG B 144 -14.24 -35.51 -15.28
C ARG B 144 -13.45 -36.68 -14.71
N ALA B 145 -12.43 -36.38 -13.92
CA ALA B 145 -11.67 -37.43 -13.25
C ALA B 145 -12.53 -38.12 -12.20
N LEU B 146 -13.27 -37.34 -11.43
CA LEU B 146 -14.14 -37.86 -10.38
C LEU B 146 -15.12 -38.84 -10.98
N LYS B 147 -15.74 -38.45 -12.09
CA LYS B 147 -16.75 -39.28 -12.75
C LYS B 147 -16.14 -40.52 -13.38
N SER B 148 -14.82 -40.56 -13.49
CA SER B 148 -14.12 -41.71 -14.03
C SER B 148 -13.58 -42.65 -12.94
N CYS B 149 -13.78 -42.28 -11.68
CA CYS B 149 -13.33 -43.13 -10.57
C CYS B 149 -14.36 -44.24 -10.33
N SER B 150 -13.91 -45.34 -9.71
CA SER B 150 -14.84 -46.39 -9.27
C SER B 150 -15.90 -45.76 -8.38
N PRO B 151 -17.09 -46.37 -8.34
CA PRO B 151 -18.18 -45.90 -7.49
C PRO B 151 -17.70 -45.70 -6.05
N GLU B 152 -16.90 -46.65 -5.57
CA GLU B 152 -16.41 -46.62 -4.21
C GLU B 152 -15.52 -45.38 -3.94
N LEU B 153 -14.61 -45.06 -4.86
CA LEU B 153 -13.80 -43.85 -4.73
C LEU B 153 -14.62 -42.57 -4.87
N GLN B 154 -15.58 -42.56 -5.79
CA GLN B 154 -16.47 -41.42 -5.93
C GLN B 154 -17.15 -41.11 -4.61
N GLN B 155 -17.60 -42.17 -3.92
CA GLN B 155 -18.23 -41.98 -2.63
C GLN B 155 -17.29 -41.27 -1.65
N LYS B 156 -16.03 -41.68 -1.62
CA LYS B 156 -15.07 -41.04 -0.73
C LYS B 156 -14.85 -39.57 -1.08
N PHE B 157 -14.70 -39.28 -2.37
CA PHE B 157 -14.38 -37.92 -2.80
C PHE B 157 -15.57 -36.95 -2.73
N ARG B 158 -16.79 -37.48 -2.72
CA ARG B 158 -17.97 -36.62 -2.64
C ARG B 158 -18.44 -36.42 -1.21
N SER B 159 -17.84 -37.17 -0.30
CA SER B 159 -18.24 -37.15 1.11
C SER B 159 -18.18 -35.76 1.72
N GLU B 160 -19.21 -35.43 2.51
CA GLU B 160 -19.22 -34.15 3.20
C GLU B 160 -18.45 -34.23 4.52
N THR B 161 -17.96 -35.42 4.84
CA THR B 161 -17.26 -35.60 6.12
C THR B 161 -15.79 -35.99 5.97
N ILE B 162 -15.31 -36.08 4.74
CA ILE B 162 -13.92 -36.44 4.48
C ILE B 162 -12.97 -35.47 5.19
N THR B 163 -11.85 -35.98 5.69
CA THR B 163 -10.88 -35.14 6.39
C THR B 163 -9.67 -34.90 5.52
N GLU B 164 -8.90 -33.87 5.85
CA GLU B 164 -7.74 -33.53 5.07
C GLU B 164 -6.79 -34.73 5.05
N GLU B 165 -6.68 -35.39 6.19
CA GLU B 165 -5.77 -36.53 6.33
C GLU B 165 -6.24 -37.74 5.52
N GLU B 166 -7.55 -37.93 5.40
CA GLU B 166 -8.07 -38.99 4.55
C GLU B 166 -7.79 -38.69 3.09
N LEU B 167 -7.98 -37.42 2.70
CA LEU B 167 -7.72 -37.03 1.32
C LEU B 167 -6.23 -37.18 0.96
N VAL B 168 -5.34 -36.78 1.87
CA VAL B 168 -3.89 -36.97 1.68
C VAL B 168 -3.57 -38.44 1.41
N GLY B 169 -4.18 -39.32 2.20
CA GLY B 169 -3.98 -40.75 2.04
C GLY B 169 -4.46 -41.26 0.70
N LEU B 170 -5.57 -40.73 0.20
CA LEU B 170 -6.08 -41.15 -1.10
C LEU B 170 -5.21 -40.64 -2.25
N MET B 171 -4.72 -39.41 -2.12
CA MET B 171 -3.83 -38.87 -3.16
C MET B 171 -2.54 -39.68 -3.20
N ASN B 172 -1.99 -39.95 -2.02
CA ASN B 172 -0.79 -40.79 -1.96
C ASN B 172 -1.04 -42.20 -2.47
N LYS B 173 -2.25 -42.71 -2.23
CA LYS B 173 -2.61 -44.04 -2.76
C LYS B 173 -2.62 -44.08 -4.27
N PHE B 174 -3.13 -43.04 -4.92
CA PHE B 174 -3.09 -42.98 -6.37
C PHE B 174 -1.63 -43.06 -6.85
N VAL B 175 -0.77 -42.21 -6.32
CA VAL B 175 0.63 -42.20 -6.72
C VAL B 175 1.28 -43.58 -6.50
N GLU B 176 1.01 -44.20 -5.34
CA GLU B 176 1.54 -45.53 -5.08
C GLU B 176 1.00 -46.57 -6.05
N ASP B 177 -0.31 -46.54 -6.30
CA ASP B 177 -0.90 -47.50 -7.23
C ASP B 177 -0.36 -47.40 -8.66
N THR B 178 -0.03 -46.19 -9.10
CA THR B 178 0.57 -46.06 -10.43
C THR B 178 1.94 -46.69 -10.48
N LYS B 179 2.70 -46.53 -9.41
CA LYS B 179 4.05 -47.09 -9.35
C LYS B 179 4.00 -48.61 -9.34
N LYS B 180 2.99 -49.17 -8.65
CA LYS B 180 2.79 -50.60 -8.57
C LYS B 180 2.17 -51.20 -9.83
N GLY B 181 1.64 -50.33 -10.69
CA GLY B 181 1.05 -50.74 -11.95
C GLY B 181 -0.36 -51.29 -11.79
N VAL B 182 -1.05 -50.82 -10.77
CA VAL B 182 -2.36 -51.36 -10.42
C VAL B 182 -3.43 -50.27 -10.33
N HIS B 183 -3.15 -49.08 -10.83
CA HIS B 183 -4.09 -47.97 -10.61
C HIS B 183 -5.45 -48.17 -11.27
N GLN B 184 -5.45 -48.72 -12.49
CA GLN B 184 -6.72 -48.98 -13.17
C GLN B 184 -7.58 -49.97 -12.39
N LYS B 185 -6.97 -51.03 -11.89
CA LYS B 185 -7.69 -52.04 -11.11
C LYS B 185 -8.20 -51.47 -9.79
N GLU B 186 -7.43 -50.55 -9.23
CA GLU B 186 -7.78 -49.94 -7.96
C GLU B 186 -8.84 -48.86 -8.07
N GLY B 187 -9.35 -48.64 -9.29
CA GLY B 187 -10.47 -47.74 -9.49
C GLY B 187 -10.13 -46.33 -9.93
N TRP B 188 -8.87 -46.09 -10.25
CA TRP B 188 -8.42 -44.74 -10.59
C TRP B 188 -8.58 -44.43 -12.07
N PRO B 189 -8.79 -43.13 -12.40
CA PRO B 189 -8.91 -42.77 -13.82
C PRO B 189 -7.54 -42.68 -14.47
N SER B 190 -7.53 -42.27 -15.73
CA SER B 190 -6.33 -42.30 -16.57
C SER B 190 -5.51 -41.02 -16.55
N SER B 191 -6.11 -39.93 -16.11
CA SER B 191 -5.42 -38.63 -16.09
C SER B 191 -4.82 -38.36 -14.71
N ALA B 192 -3.50 -38.33 -14.62
CA ALA B 192 -2.82 -38.01 -13.36
C ALA B 192 -3.18 -36.59 -12.97
N TYR B 193 -3.10 -35.68 -13.94
CA TYR B 193 -3.44 -34.28 -13.70
C TYR B 193 -4.85 -34.18 -13.12
N GLY B 194 -5.79 -34.90 -13.72
CA GLY B 194 -7.17 -34.91 -13.26
C GLY B 194 -7.29 -35.30 -11.80
N VAL B 195 -6.59 -36.36 -11.41
CA VAL B 195 -6.63 -36.79 -10.03
C VAL B 195 -6.05 -35.76 -9.08
N THR B 196 -5.00 -35.06 -9.49
CA THR B 196 -4.45 -34.01 -8.63
C THR B 196 -5.47 -32.88 -8.43
N LYS B 197 -6.24 -32.58 -9.46
CA LYS B 197 -7.24 -31.54 -9.32
C LYS B 197 -8.47 -32.02 -8.53
N ILE B 198 -8.75 -33.32 -8.50
CA ILE B 198 -9.72 -33.83 -7.51
C ILE B 198 -9.21 -33.42 -6.12
N GLY B 199 -7.91 -33.61 -5.90
CA GLY B 199 -7.27 -33.22 -4.65
C GLY B 199 -7.50 -31.75 -4.32
N VAL B 200 -7.27 -30.88 -5.29
CA VAL B 200 -7.48 -29.44 -5.09
C VAL B 200 -8.93 -29.10 -4.77
N THR B 201 -9.86 -29.68 -5.53
CA THR B 201 -11.28 -29.40 -5.34
C THR B 201 -11.78 -29.86 -3.98
N VAL B 202 -11.38 -31.07 -3.58
CA VAL B 202 -11.84 -31.65 -2.32
C VAL B 202 -11.13 -30.97 -1.14
N LEU B 203 -9.87 -30.62 -1.30
CA LEU B 203 -9.17 -29.85 -0.26
C LEU B 203 -9.90 -28.52 -0.01
N SER B 204 -10.42 -27.90 -1.07
CA SER B 204 -11.14 -26.65 -0.92
C SER B 204 -12.42 -26.83 -0.12
N ARG B 205 -13.14 -27.91 -0.40
CA ARG B 205 -14.36 -28.23 0.36
C ARG B 205 -14.01 -28.45 1.82
N ILE B 206 -12.95 -29.21 2.08
CA ILE B 206 -12.52 -29.45 3.46
C ILE B 206 -12.14 -28.14 4.17
N HIS B 207 -11.37 -27.29 3.51
CA HIS B 207 -10.93 -26.05 4.16
C HIS B 207 -12.05 -25.05 4.39
N ALA B 208 -13.03 -24.99 3.50
CA ALA B 208 -14.21 -24.15 3.76
C ALA B 208 -14.93 -24.64 5.01
N ARG B 209 -15.05 -25.96 5.15
CA ARG B 209 -15.69 -26.54 6.32
C ARG B 209 -14.94 -26.18 7.59
N LYS B 210 -13.62 -26.20 7.53
CA LYS B 210 -12.81 -25.91 8.72
C LYS B 210 -12.90 -24.43 9.09
N LEU B 211 -12.94 -23.58 8.09
CA LEU B 211 -13.11 -22.14 8.32
C LEU B 211 -14.43 -21.84 9.02
N SER B 212 -15.48 -22.54 8.61
CA SER B 212 -16.80 -22.37 9.23
C SER B 212 -16.84 -22.90 10.67
N GLU B 213 -16.06 -23.94 10.94
CA GLU B 213 -15.99 -24.50 12.29
C GLU B 213 -15.16 -23.61 13.19
N GLN B 214 -14.01 -23.15 12.71
CA GLN B 214 -13.01 -22.47 13.54
C GLN B 214 -13.15 -20.96 13.59
N ARG B 215 -13.67 -20.38 12.51
CA ARG B 215 -13.63 -18.93 12.34
C ARG B 215 -14.95 -18.35 11.86
N LYS B 216 -16.05 -18.93 12.34
CA LYS B 216 -17.36 -18.38 12.07
C LYS B 216 -17.38 -16.96 12.60
N GLY B 217 -17.99 -16.06 11.83
CA GLY B 217 -18.01 -14.67 12.22
C GLY B 217 -16.95 -13.85 11.51
N ASP B 218 -15.92 -14.51 10.98
CA ASP B 218 -14.88 -13.77 10.28
C ASP B 218 -15.18 -13.57 8.80
N LYS B 219 -16.28 -14.16 8.33
CA LYS B 219 -16.80 -13.94 6.98
C LYS B 219 -15.81 -14.20 5.85
N ILE B 220 -14.96 -15.20 6.05
CA ILE B 220 -14.01 -15.58 5.01
C ILE B 220 -14.69 -16.54 4.06
N LEU B 221 -14.49 -16.35 2.75
CA LEU B 221 -15.04 -17.24 1.74
C LEU B 221 -13.89 -17.90 0.95
N LEU B 222 -13.96 -19.22 0.84
CA LEU B 222 -12.93 -19.99 0.14
C LEU B 222 -13.64 -20.91 -0.85
N ASN B 223 -13.18 -20.90 -2.11
CA ASN B 223 -13.80 -21.69 -3.16
C ASN B 223 -12.77 -22.28 -4.13
N ALA B 224 -13.13 -23.39 -4.77
CA ALA B 224 -12.36 -23.91 -5.89
C ALA B 224 -12.97 -23.39 -7.19
N CYS B 225 -12.17 -23.30 -8.25
CA CYS B 225 -12.76 -22.93 -9.55
C CYS B 225 -12.06 -23.54 -10.75
N CYS B 226 -12.75 -23.52 -11.90
CA CYS B 226 -12.09 -23.81 -13.18
C CYS B 226 -12.12 -22.51 -13.96
N PRO B 227 -10.96 -22.10 -14.47
CA PRO B 227 -10.89 -20.89 -15.30
C PRO B 227 -11.38 -21.15 -16.72
N GLY B 228 -11.69 -22.40 -17.04
CA GLY B 228 -12.04 -22.78 -18.39
C GLY B 228 -10.82 -23.22 -19.16
N TRP B 229 -10.97 -23.45 -20.46
CA TRP B 229 -9.88 -23.97 -21.28
C TRP B 229 -9.14 -22.77 -21.87
N VAL B 230 -7.92 -22.54 -21.40
CA VAL B 230 -7.26 -21.25 -21.63
C VAL B 230 -5.95 -21.36 -22.41
N ARG B 231 -5.77 -20.52 -23.42
CA ARG B 231 -4.54 -20.51 -24.23
C ARG B 231 -3.33 -20.03 -23.42
N THR B 232 -2.61 -20.97 -22.84
CA THR B 232 -1.40 -20.70 -22.09
C THR B 232 -0.36 -21.73 -22.50
N ASP B 233 0.82 -21.65 -21.89
CA ASP B 233 1.87 -22.62 -22.14
C ASP B 233 1.43 -24.02 -21.72
N MET B 234 0.46 -24.10 -20.82
CA MET B 234 -0.04 -25.40 -20.36
C MET B 234 -0.93 -26.02 -21.42
N ALA B 235 -1.89 -25.25 -21.92
CA ALA B 235 -2.93 -25.83 -22.79
C ALA B 235 -2.66 -25.70 -24.28
N GLY B 236 -1.89 -24.69 -24.67
CA GLY B 236 -1.63 -24.47 -26.08
C GLY B 236 -2.64 -23.56 -26.76
N PRO B 237 -2.42 -23.31 -28.07
CA PRO B 237 -3.16 -22.29 -28.83
C PRO B 237 -4.53 -22.72 -29.35
N LYS B 238 -4.95 -23.97 -29.13
CA LYS B 238 -6.26 -24.40 -29.59
C LYS B 238 -7.35 -24.15 -28.55
N ALA B 239 -6.91 -23.82 -27.34
CA ALA B 239 -7.84 -23.54 -26.24
C ALA B 239 -8.77 -22.39 -26.62
N THR B 240 -9.96 -22.38 -26.03
CA THR B 240 -11.01 -21.45 -26.45
C THR B 240 -11.06 -20.12 -25.71
N LYS B 241 -10.29 -19.98 -24.63
CA LYS B 241 -10.23 -18.74 -23.88
C LYS B 241 -8.85 -18.07 -23.91
N SER B 242 -8.83 -16.74 -23.86
CA SER B 242 -7.58 -16.00 -23.64
C SER B 242 -7.27 -16.01 -22.15
N PRO B 243 -6.02 -15.72 -21.76
CA PRO B 243 -5.72 -15.62 -20.32
C PRO B 243 -6.61 -14.61 -19.57
N GLU B 244 -6.94 -13.48 -20.20
CA GLU B 244 -7.81 -12.49 -19.56
C GLU B 244 -9.20 -13.07 -19.30
N GLU B 245 -9.71 -13.83 -20.25
CA GLU B 245 -10.99 -14.52 -20.06
C GLU B 245 -10.85 -15.58 -18.96
N GLY B 246 -9.74 -16.29 -18.97
CA GLY B 246 -9.47 -17.29 -17.96
C GLY B 246 -9.46 -16.72 -16.54
N ALA B 247 -8.97 -15.50 -16.39
CA ALA B 247 -8.88 -14.86 -15.08
C ALA B 247 -10.23 -14.46 -14.49
N GLU B 248 -11.28 -14.43 -15.30
CA GLU B 248 -12.55 -13.82 -14.86
C GLU B 248 -13.21 -14.47 -13.64
N THR B 249 -13.33 -15.80 -13.64
CA THR B 249 -13.91 -16.47 -12.47
C THR B 249 -13.03 -16.41 -11.20
N PRO B 250 -11.71 -16.66 -11.31
CA PRO B 250 -10.90 -16.49 -10.10
C PRO B 250 -10.98 -15.08 -9.53
N VAL B 251 -11.00 -14.08 -10.40
CA VAL B 251 -11.07 -12.71 -9.92
C VAL B 251 -12.41 -12.44 -9.25
N TYR B 252 -13.49 -12.96 -9.83
CA TYR B 252 -14.83 -12.85 -9.24
C TYR B 252 -14.87 -13.45 -7.83
N LEU B 253 -14.22 -14.59 -7.65
CA LEU B 253 -14.18 -15.24 -6.35
C LEU B 253 -13.29 -14.52 -5.33
N ALA B 254 -12.24 -13.88 -5.81
CA ALA B 254 -11.33 -13.18 -4.93
C ALA B 254 -11.92 -11.83 -4.47
N LEU B 255 -12.86 -11.29 -5.24
CA LEU B 255 -13.41 -9.96 -4.94
C LEU B 255 -14.85 -9.97 -4.46
N LEU B 256 -15.35 -11.14 -4.04
CA LEU B 256 -16.73 -11.24 -3.54
C LEU B 256 -16.98 -10.17 -2.47
N PRO B 257 -18.11 -9.46 -2.57
CA PRO B 257 -18.36 -8.30 -1.71
C PRO B 257 -18.36 -8.67 -0.23
N PRO B 258 -17.92 -7.73 0.63
CA PRO B 258 -17.85 -8.00 2.07
C PRO B 258 -19.21 -8.50 2.57
N ASP B 259 -19.20 -9.44 3.51
CA ASP B 259 -20.44 -9.90 4.11
C ASP B 259 -21.30 -10.87 3.26
N ALA B 260 -20.88 -11.13 2.03
CA ALA B 260 -21.58 -12.11 1.22
C ALA B 260 -21.56 -13.46 1.93
N GLU B 261 -22.66 -14.19 1.88
CA GLU B 261 -22.75 -15.47 2.59
C GLU B 261 -22.16 -16.59 1.74
N GLY B 262 -22.10 -16.36 0.43
CA GLY B 262 -21.56 -17.34 -0.49
C GLY B 262 -21.08 -16.76 -1.81
N PRO B 263 -20.54 -17.61 -2.69
CA PRO B 263 -20.34 -19.05 -2.44
C PRO B 263 -19.22 -19.32 -1.43
N HIS B 264 -19.32 -20.48 -0.77
CA HIS B 264 -18.29 -20.94 0.15
C HIS B 264 -18.21 -22.46 0.04
N GLY B 265 -17.01 -22.98 -0.22
CA GLY B 265 -16.83 -24.42 -0.33
C GLY B 265 -17.35 -25.00 -1.62
N GLN B 266 -17.58 -24.14 -2.59
CA GLN B 266 -18.15 -24.56 -3.87
C GLN B 266 -17.08 -24.71 -4.94
N PHE B 267 -17.43 -25.44 -5.99
CA PHE B 267 -16.63 -25.55 -7.19
C PHE B 267 -17.34 -24.67 -8.20
N VAL B 268 -16.65 -23.63 -8.67
CA VAL B 268 -17.31 -22.59 -9.45
C VAL B 268 -16.69 -22.51 -10.83
N SER B 269 -17.55 -22.42 -11.84
CA SER B 269 -17.09 -22.32 -13.22
C SER B 269 -17.96 -21.30 -13.94
N GLU B 270 -17.34 -20.46 -14.76
CA GLU B 270 -18.05 -19.35 -15.43
C GLU B 270 -18.90 -18.58 -14.42
N LYS B 271 -18.34 -18.40 -13.22
CA LYS B 271 -18.96 -17.69 -12.10
C LYS B 271 -20.24 -18.38 -11.59
N ARG B 272 -20.42 -19.64 -11.96
CA ARG B 272 -21.61 -20.39 -11.55
C ARG B 272 -21.20 -21.57 -10.69
N VAL B 273 -21.94 -21.82 -9.60
CA VAL B 273 -21.67 -22.99 -8.76
C VAL B 273 -21.99 -24.27 -9.54
N GLU B 274 -21.10 -25.25 -9.49
CA GLU B 274 -21.35 -26.51 -10.17
C GLU B 274 -21.47 -27.66 -9.17
N GLN B 275 -22.18 -28.71 -9.57
CA GLN B 275 -22.39 -29.88 -8.71
C GLN B 275 -21.12 -30.71 -8.58
N TRP B 276 -20.73 -31.01 -7.35
CA TRP B 276 -19.62 -31.93 -7.13
C TRP B 276 -20.19 -33.27 -6.71
N GLY C 3 -19.76 10.10 -16.99
CA GLY C 3 -19.91 11.37 -16.32
C GLY C 3 -20.03 12.54 -17.28
N ILE C 4 -18.91 12.98 -17.86
CA ILE C 4 -17.62 12.34 -17.62
C ILE C 4 -17.00 12.78 -16.30
N HIS C 5 -16.11 11.94 -15.82
CA HIS C 5 -15.41 12.19 -14.59
C HIS C 5 -14.13 12.92 -14.94
N VAL C 6 -13.61 13.69 -14.00
CA VAL C 6 -12.38 14.42 -14.27
C VAL C 6 -11.50 14.40 -13.03
N ALA C 7 -10.19 14.27 -13.26
CA ALA C 7 -9.19 14.33 -12.21
C ALA C 7 -8.25 15.48 -12.53
N LEU C 8 -7.69 16.08 -11.49
CA LEU C 8 -6.76 17.18 -11.70
C LEU C 8 -5.61 17.14 -10.71
N VAL C 9 -4.40 17.43 -11.21
CA VAL C 9 -3.20 17.44 -10.38
C VAL C 9 -2.58 18.83 -10.41
N THR C 10 -2.29 19.38 -9.25
CA THR C 10 -1.59 20.66 -9.24
C THR C 10 -0.08 20.39 -9.25
N GLY C 11 0.70 21.34 -9.76
CA GLY C 11 2.14 21.15 -9.91
C GLY C 11 2.44 19.86 -10.68
N GLY C 12 1.84 19.74 -11.87
CA GLY C 12 1.89 18.49 -12.61
C GLY C 12 2.91 18.45 -13.72
N ASN C 13 3.73 19.50 -13.86
CA ASN C 13 4.68 19.52 -14.98
C ASN C 13 5.98 18.71 -14.79
N LYS C 14 6.32 18.37 -13.55
CA LYS C 14 7.53 17.60 -13.30
C LYS C 14 7.45 16.88 -11.96
N GLY C 15 8.47 16.09 -11.64
CA GLY C 15 8.58 15.44 -10.36
C GLY C 15 7.43 14.49 -10.06
N ILE C 16 7.02 14.45 -8.79
CA ILE C 16 5.93 13.56 -8.38
C ILE C 16 4.62 13.86 -9.11
N GLY C 17 4.30 15.14 -9.27
CA GLY C 17 3.06 15.54 -9.94
C GLY C 17 2.93 14.95 -11.33
N LEU C 18 4.02 14.99 -12.10
CA LEU C 18 4.02 14.43 -13.45
C LEU C 18 3.75 12.94 -13.42
N ALA C 19 4.37 12.24 -12.47
CA ALA C 19 4.16 10.80 -12.38
C ALA C 19 2.73 10.48 -11.97
N ILE C 20 2.15 11.32 -11.12
CA ILE C 20 0.75 11.13 -10.74
C ILE C 20 -0.18 11.30 -11.94
N VAL C 21 0.06 12.35 -12.74
CA VAL C 21 -0.72 12.57 -13.95
C VAL C 21 -0.59 11.34 -14.87
N ARG C 22 0.64 10.87 -15.07
CA ARG C 22 0.88 9.74 -15.97
C ARG C 22 0.10 8.51 -15.50
N ASP C 23 0.12 8.27 -14.19
CA ASP C 23 -0.62 7.14 -13.63
C ASP C 23 -2.12 7.27 -13.81
N LEU C 24 -2.67 8.42 -13.47
CA LEU C 24 -4.11 8.66 -13.64
C LEU C 24 -4.53 8.56 -15.10
N CYS C 25 -3.68 9.03 -16.02
CA CYS C 25 -4.03 8.90 -17.45
C CYS C 25 -4.26 7.43 -17.81
N ARG C 26 -3.44 6.55 -17.24
CA ARG C 26 -3.55 5.12 -17.54
C ARG C 26 -4.61 4.39 -16.74
N LEU C 27 -4.95 4.93 -15.57
CA LEU C 27 -5.81 4.19 -14.63
C LEU C 27 -7.19 4.80 -14.40
N PHE C 28 -7.30 6.13 -14.51
CA PHE C 28 -8.54 6.82 -14.16
C PHE C 28 -9.51 6.79 -15.34
N SER C 29 -10.77 6.42 -15.07
CA SER C 29 -11.78 6.43 -16.12
C SER C 29 -12.41 7.80 -16.22
N GLY C 30 -11.80 8.65 -17.05
CA GLY C 30 -12.22 10.03 -17.20
C GLY C 30 -11.09 10.88 -17.74
N ASP C 31 -11.35 12.18 -17.86
CA ASP C 31 -10.33 13.12 -18.29
C ASP C 31 -9.38 13.38 -17.14
N VAL C 32 -8.12 13.64 -17.46
CA VAL C 32 -7.10 13.95 -16.47
C VAL C 32 -6.49 15.27 -16.89
N VAL C 33 -6.54 16.25 -15.99
CA VAL C 33 -6.01 17.58 -16.30
C VAL C 33 -4.68 17.78 -15.62
N LEU C 34 -3.63 17.94 -16.42
CA LEU C 34 -2.33 18.34 -15.92
C LEU C 34 -2.40 19.85 -15.79
N THR C 35 -2.09 20.37 -14.60
CA THR C 35 -1.97 21.83 -14.46
C THR C 35 -0.56 22.23 -14.07
N ALA C 36 -0.19 23.44 -14.45
CA ALA C 36 1.14 23.96 -14.19
C ALA C 36 1.06 25.47 -14.15
N ARG C 37 1.88 26.11 -13.31
CA ARG C 37 1.87 27.58 -13.24
C ARG C 37 2.51 28.24 -14.47
N ASP C 38 3.49 27.55 -15.05
CA ASP C 38 4.16 28.02 -16.27
C ASP C 38 3.61 27.27 -17.48
N VAL C 39 2.86 27.96 -18.34
CA VAL C 39 2.24 27.29 -19.48
C VAL C 39 3.23 26.62 -20.43
N THR C 40 4.42 27.19 -20.57
CA THR C 40 5.44 26.55 -21.43
C THR C 40 5.89 25.20 -20.87
N ARG C 41 6.11 25.12 -19.55
CA ARG C 41 6.57 23.89 -18.95
C ARG C 41 5.45 22.86 -18.91
N GLY C 42 4.22 23.33 -18.68
CA GLY C 42 3.07 22.45 -18.64
C GLY C 42 2.81 21.83 -20.00
N GLN C 43 2.91 22.64 -21.05
CA GLN C 43 2.67 22.12 -22.39
C GLN C 43 3.76 21.15 -22.80
N ALA C 44 4.99 21.40 -22.37
CA ALA C 44 6.09 20.48 -22.68
C ALA C 44 5.91 19.14 -21.98
N ALA C 45 5.32 19.17 -20.79
CA ALA C 45 5.02 17.95 -20.05
C ALA C 45 3.91 17.20 -20.76
N VAL C 46 2.89 17.92 -21.21
CA VAL C 46 1.81 17.31 -21.97
C VAL C 46 2.36 16.64 -23.24
N GLN C 47 3.24 17.34 -23.97
CA GLN C 47 3.83 16.76 -25.16
C GLN C 47 4.64 15.51 -24.84
N GLN C 48 5.27 15.50 -23.67
CA GLN C 48 6.04 14.34 -23.24
C GLN C 48 5.13 13.14 -23.05
N LEU C 49 4.01 13.35 -22.36
CA LEU C 49 3.04 12.29 -22.12
C LEU C 49 2.33 11.84 -23.40
N GLN C 50 2.11 12.77 -24.32
CA GLN C 50 1.52 12.43 -25.62
C GLN C 50 2.44 11.50 -26.40
N ALA C 51 3.74 11.72 -26.30
CA ALA C 51 4.71 10.85 -26.96
C ALA C 51 4.74 9.47 -26.32
N GLU C 52 4.19 9.35 -25.12
CA GLU C 52 4.04 8.06 -24.45
C GLU C 52 2.69 7.44 -24.80
N GLY C 53 1.90 8.15 -25.59
CA GLY C 53 0.61 7.66 -26.04
C GLY C 53 -0.57 8.04 -25.17
N LEU C 54 -0.34 8.96 -24.23
CA LEU C 54 -1.37 9.36 -23.28
C LEU C 54 -2.03 10.67 -23.72
N SER C 55 -3.17 11.02 -23.14
CA SER C 55 -3.94 12.17 -23.59
C SER C 55 -4.36 13.11 -22.47
N PRO C 56 -3.39 13.63 -21.69
CA PRO C 56 -3.84 14.53 -20.62
C PRO C 56 -4.35 15.84 -21.20
N ARG C 57 -5.30 16.47 -20.51
CA ARG C 57 -5.67 17.84 -20.85
C ARG C 57 -4.73 18.79 -20.11
N PHE C 58 -4.71 20.05 -20.53
CA PHE C 58 -3.92 21.05 -19.81
C PHE C 58 -4.73 22.28 -19.38
N HIS C 59 -4.48 22.76 -18.16
CA HIS C 59 -4.98 24.06 -17.77
C HIS C 59 -3.95 24.76 -16.90
N GLN C 60 -3.77 26.07 -17.09
CA GLN C 60 -2.87 26.81 -16.24
C GLN C 60 -3.40 26.87 -14.82
N LEU C 61 -2.49 26.78 -13.85
CA LEU C 61 -2.83 27.03 -12.46
C LEU C 61 -1.58 27.40 -11.67
N ASP C 62 -1.57 28.61 -11.13
CA ASP C 62 -0.57 28.97 -10.11
C ASP C 62 -1.31 29.11 -8.79
N ILE C 63 -0.98 28.28 -7.81
CA ILE C 63 -1.78 28.25 -6.58
C ILE C 63 -1.54 29.47 -5.70
N ASP C 64 -0.57 30.30 -6.06
CA ASP C 64 -0.36 31.58 -5.36
C ASP C 64 -1.10 32.77 -5.98
N ASP C 65 -1.85 32.52 -7.04
CA ASP C 65 -2.63 33.57 -7.69
C ASP C 65 -4.09 33.17 -7.61
N LEU C 66 -4.86 33.89 -6.78
CA LEU C 66 -6.27 33.56 -6.58
C LEU C 66 -7.08 33.70 -7.87
N GLN C 67 -6.68 34.60 -8.74
CA GLN C 67 -7.37 34.74 -10.02
C GLN C 67 -7.15 33.52 -10.91
N SER C 68 -5.98 32.91 -10.80
CA SER C 68 -5.69 31.68 -11.55
C SER C 68 -6.54 30.52 -11.01
N ILE C 69 -6.62 30.44 -9.69
CA ILE C 69 -7.42 29.41 -9.05
C ILE C 69 -8.88 29.57 -9.45
N ARG C 70 -9.38 30.81 -9.40
CA ARG C 70 -10.77 31.03 -9.74
C ARG C 70 -11.08 30.77 -11.21
N ALA C 71 -10.11 31.04 -12.10
CA ALA C 71 -10.31 30.78 -13.52
C ALA C 71 -10.42 29.27 -13.77
N LEU C 72 -9.64 28.49 -13.03
CA LEU C 72 -9.74 27.03 -13.10
C LEU C 72 -11.07 26.54 -12.55
N ARG C 73 -11.49 27.12 -11.44
CA ARG C 73 -12.79 26.80 -10.84
C ARG C 73 -13.91 26.99 -11.86
N ASP C 74 -13.91 28.13 -12.54
CA ASP C 74 -14.95 28.40 -13.54
C ASP C 74 -14.90 27.43 -14.72
N PHE C 75 -13.69 27.09 -15.15
CA PHE C 75 -13.50 26.14 -16.24
C PHE C 75 -14.04 24.76 -15.89
N LEU C 76 -13.72 24.27 -14.70
CA LEU C 76 -14.21 22.96 -14.26
C LEU C 76 -15.74 22.91 -14.16
N ARG C 77 -16.34 24.00 -13.66
CA ARG C 77 -17.80 24.09 -13.60
C ARG C 77 -18.39 24.04 -15.00
N LYS C 78 -17.82 24.81 -15.92
CA LYS C 78 -18.37 24.92 -17.27
C LYS C 78 -18.25 23.62 -18.07
N GLU C 79 -17.08 22.99 -17.99
CA GLU C 79 -16.77 21.84 -18.83
C GLU C 79 -17.21 20.50 -18.25
N TYR C 80 -17.18 20.38 -16.93
CA TYR C 80 -17.41 19.08 -16.29
C TYR C 80 -18.50 19.09 -15.24
N GLY C 81 -19.03 20.27 -14.96
CA GLY C 81 -20.01 20.43 -13.89
C GLY C 81 -19.41 20.20 -12.51
N GLY C 82 -18.08 20.21 -12.41
CA GLY C 82 -17.43 19.98 -11.14
C GLY C 82 -16.14 19.17 -11.26
N LEU C 83 -15.77 18.45 -10.21
CA LEU C 83 -14.48 17.74 -10.16
C LEU C 83 -14.59 16.45 -9.37
N ASP C 84 -13.99 15.37 -9.86
CA ASP C 84 -14.08 14.09 -9.15
C ASP C 84 -12.84 13.77 -8.32
N VAL C 85 -11.69 14.09 -8.87
CA VAL C 85 -10.45 13.83 -8.16
C VAL C 85 -9.59 15.09 -8.16
N LEU C 86 -9.16 15.49 -6.96
CA LEU C 86 -8.25 16.62 -6.81
C LEU C 86 -6.99 16.17 -6.09
N VAL C 87 -5.84 16.40 -6.70
CA VAL C 87 -4.58 16.07 -6.04
C VAL C 87 -3.80 17.35 -5.83
N ASN C 88 -3.68 17.76 -4.57
CA ASN C 88 -2.93 18.96 -4.24
C ASN C 88 -1.45 18.63 -4.07
N ASN C 89 -0.71 18.68 -5.17
CA ASN C 89 0.67 18.21 -5.17
C ASN C 89 1.70 19.35 -5.16
N ALA C 90 1.34 20.49 -5.72
CA ALA C 90 2.24 21.65 -5.81
C ALA C 90 2.90 22.01 -4.46
N GLY C 91 4.21 22.25 -4.48
CA GLY C 91 4.93 22.49 -3.25
C GLY C 91 6.33 22.99 -3.56
N ILE C 92 6.92 23.70 -2.60
CA ILE C 92 8.28 24.22 -2.78
C ILE C 92 9.05 24.02 -1.48
N ALA C 93 10.37 24.06 -1.58
CA ALA C 93 11.23 23.94 -0.41
C ALA C 93 12.54 24.63 -0.72
N PHE C 94 13.05 25.37 0.25
CA PHE C 94 14.39 25.91 0.14
C PHE C 94 15.37 24.80 0.45
N LYS C 95 16.60 24.92 -0.04
CA LYS C 95 17.62 23.92 0.27
C LYS C 95 17.98 23.97 1.76
N VAL C 96 18.51 22.87 2.27
CA VAL C 96 18.86 22.76 3.69
C VAL C 96 19.89 23.81 4.08
N ALA C 97 20.89 24.00 3.22
CA ALA C 97 21.96 24.95 3.50
C ALA C 97 21.74 26.29 2.82
N ASP C 98 20.48 26.67 2.59
CA ASP C 98 20.19 27.91 1.88
C ASP C 98 20.47 29.15 2.72
N PRO C 99 21.22 30.10 2.15
CA PRO C 99 21.64 31.37 2.75
C PRO C 99 20.49 32.33 3.02
N THR C 100 19.42 32.25 2.23
CA THR C 100 18.22 33.06 2.43
C THR C 100 17.85 33.14 3.92
N PRO C 101 17.64 34.37 4.44
CA PRO C 101 17.20 34.57 5.83
C PRO C 101 16.02 33.65 6.19
N PHE C 102 16.09 33.03 7.37
CA PHE C 102 15.07 32.06 7.77
C PHE C 102 13.65 32.63 7.72
N HIS C 103 13.47 33.88 8.13
CA HIS C 103 12.13 34.45 8.15
C HIS C 103 11.55 34.57 6.74
N ILE C 104 12.42 34.77 5.76
CA ILE C 104 11.98 34.83 4.37
C ILE C 104 11.62 33.44 3.90
N GLN C 105 12.42 32.44 4.28
CA GLN C 105 12.14 31.06 3.92
C GLN C 105 10.78 30.66 4.48
N ALA C 106 10.53 31.09 5.72
CA ALA C 106 9.26 30.81 6.36
C ALA C 106 8.09 31.45 5.62
N GLU C 107 8.18 32.74 5.32
CA GLU C 107 7.06 33.41 4.65
C GLU C 107 6.80 32.85 3.24
N VAL C 108 7.87 32.65 2.49
CA VAL C 108 7.76 32.14 1.13
C VAL C 108 7.27 30.69 1.08
N THR C 109 7.84 29.82 1.91
CA THR C 109 7.43 28.42 1.89
C THR C 109 5.99 28.28 2.37
N MET C 110 5.61 29.06 3.38
CA MET C 110 4.26 28.99 3.92
C MET C 110 3.26 29.53 2.89
N LYS C 111 3.67 30.55 2.15
CA LYS C 111 2.78 31.20 1.17
C LYS C 111 2.25 30.22 0.13
N THR C 112 3.10 29.30 -0.30
CA THR C 112 2.70 28.34 -1.32
C THR C 112 2.14 27.08 -0.69
N ASN C 113 2.97 26.42 0.12
CA ASN C 113 2.61 25.09 0.64
C ASN C 113 1.36 25.08 1.50
N PHE C 114 1.18 26.11 2.32
CA PHE C 114 -0.04 26.16 3.14
C PHE C 114 -1.12 27.05 2.55
N PHE C 115 -0.84 28.33 2.36
CA PHE C 115 -1.90 29.23 1.93
C PHE C 115 -2.35 28.98 0.50
N GLY C 116 -1.43 28.60 -0.37
CA GLY C 116 -1.81 28.29 -1.75
C GLY C 116 -2.70 27.05 -1.81
N THR C 117 -2.29 26.01 -1.09
CA THR C 117 -3.05 24.76 -1.00
C THR C 117 -4.41 25.03 -0.38
N ARG C 118 -4.42 25.86 0.67
CA ARG C 118 -5.67 26.25 1.33
C ARG C 118 -6.61 26.97 0.35
N ASP C 119 -6.04 27.87 -0.44
CA ASP C 119 -6.85 28.61 -1.41
C ASP C 119 -7.45 27.71 -2.50
N VAL C 120 -6.69 26.72 -2.97
CA VAL C 120 -7.22 25.78 -3.94
C VAL C 120 -8.39 24.99 -3.33
N CYS C 121 -8.23 24.55 -2.10
CA CYS C 121 -9.32 23.84 -1.42
C CYS C 121 -10.55 24.73 -1.22
N THR C 122 -10.33 25.98 -0.85
CA THR C 122 -11.45 26.89 -0.64
C THR C 122 -12.30 27.01 -1.90
N GLU C 123 -11.63 27.09 -3.05
CA GLU C 123 -12.32 27.28 -4.31
C GLU C 123 -12.84 26.00 -4.95
N LEU C 124 -12.09 24.91 -4.79
CA LEU C 124 -12.41 23.67 -5.49
C LEU C 124 -13.18 22.63 -4.68
N LEU C 125 -13.04 22.62 -3.36
CA LEU C 125 -13.81 21.67 -2.54
C LEU C 125 -15.33 21.71 -2.76
N PRO C 126 -15.91 22.92 -2.95
CA PRO C 126 -17.35 22.94 -3.25
C PRO C 126 -17.72 22.26 -4.55
N LEU C 127 -16.75 22.05 -5.45
CA LEU C 127 -17.00 21.45 -6.75
C LEU C 127 -16.90 19.94 -6.75
N ILE C 128 -16.34 19.37 -5.69
CA ILE C 128 -16.10 17.94 -5.64
C ILE C 128 -17.41 17.16 -5.71
N LYS C 129 -17.49 16.22 -6.64
CA LYS C 129 -18.71 15.44 -6.86
C LYS C 129 -18.85 14.30 -5.86
N PRO C 130 -20.06 13.76 -5.69
CA PRO C 130 -20.15 12.59 -4.80
C PRO C 130 -19.22 11.48 -5.27
N GLN C 131 -18.75 10.65 -4.33
CA GLN C 131 -17.73 9.62 -4.60
C GLN C 131 -16.41 10.21 -5.05
N GLY C 132 -16.26 11.52 -4.90
CA GLY C 132 -15.01 12.17 -5.23
C GLY C 132 -13.90 11.88 -4.24
N ARG C 133 -12.66 12.11 -4.67
CA ARG C 133 -11.51 11.92 -3.78
C ARG C 133 -10.59 13.13 -3.83
N VAL C 134 -10.12 13.54 -2.66
CA VAL C 134 -9.15 14.62 -2.55
C VAL C 134 -7.88 14.12 -1.86
N VAL C 135 -6.72 14.42 -2.43
CA VAL C 135 -5.45 13.95 -1.89
C VAL C 135 -4.55 15.15 -1.69
N ASN C 136 -4.12 15.40 -0.46
CA ASN C 136 -3.20 16.49 -0.20
C ASN C 136 -1.81 15.92 0.03
N VAL C 137 -0.85 16.31 -0.82
CA VAL C 137 0.51 15.78 -0.68
C VAL C 137 1.22 16.54 0.44
N SER C 138 1.51 15.82 1.52
CA SER C 138 2.19 16.41 2.65
C SER C 138 3.58 15.80 2.70
N SER C 139 4.04 15.47 3.89
CA SER C 139 5.38 14.90 4.03
C SER C 139 5.56 14.33 5.42
N ILE C 140 6.36 13.27 5.52
CA ILE C 140 6.67 12.68 6.83
C ILE C 140 7.43 13.71 7.67
N MET C 141 8.00 14.71 7.01
CA MET C 141 8.60 15.84 7.71
C MET C 141 7.59 16.62 8.55
N SER C 142 6.31 16.52 8.20
CA SER C 142 5.27 17.12 9.05
C SER C 142 5.24 16.45 10.42
N VAL C 143 5.49 15.15 10.43
CA VAL C 143 5.48 14.40 11.70
C VAL C 143 6.75 14.69 12.50
N ARG C 144 7.89 14.76 11.81
CA ARG C 144 9.12 15.12 12.49
C ARG C 144 9.06 16.54 13.05
N ALA C 145 8.40 17.44 12.32
CA ALA C 145 8.26 18.80 12.80
C ALA C 145 7.35 18.85 14.02
N LEU C 146 6.23 18.14 13.95
CA LEU C 146 5.27 18.08 15.05
C LEU C 146 5.94 17.59 16.32
N LYS C 147 6.73 16.53 16.22
CA LYS C 147 7.45 15.99 17.37
C LYS C 147 8.51 16.95 17.92
N SER C 148 8.91 17.95 17.13
CA SER C 148 9.90 18.93 17.58
C SER C 148 9.24 20.20 18.10
N CYS C 149 7.92 20.23 18.12
CA CYS C 149 7.20 21.37 18.66
C CYS C 149 7.10 21.27 20.18
N SER C 150 6.81 22.40 20.82
CA SER C 150 6.49 22.42 22.24
C SER C 150 5.27 21.53 22.47
N PRO C 151 5.18 20.92 23.66
CA PRO C 151 3.99 20.13 24.02
C PRO C 151 2.68 20.90 23.82
N GLU C 152 2.66 22.20 24.14
CA GLU C 152 1.48 23.03 23.91
C GLU C 152 1.11 23.10 22.43
N LEU C 153 2.10 23.28 21.56
CA LEU C 153 1.84 23.31 20.13
C LEU C 153 1.46 21.92 19.62
N GLN C 154 2.06 20.87 20.20
CA GLN C 154 1.69 19.51 19.81
C GLN C 154 0.23 19.20 20.11
N GLN C 155 -0.26 19.64 21.27
CA GLN C 155 -1.65 19.42 21.61
C GLN C 155 -2.58 20.15 20.64
N LYS C 156 -2.17 21.36 20.25
CA LYS C 156 -2.97 22.14 19.31
C LYS C 156 -3.10 21.44 17.95
N PHE C 157 -1.97 20.95 17.43
CA PHE C 157 -1.95 20.34 16.11
C PHE C 157 -2.54 18.93 16.06
N ARG C 158 -2.58 18.26 17.20
CA ARG C 158 -3.19 16.94 17.23
C ARG C 158 -4.68 17.01 17.54
N SER C 159 -5.16 18.21 17.85
CA SER C 159 -6.54 18.36 18.31
C SER C 159 -7.56 17.90 17.27
N GLU C 160 -8.61 17.23 17.75
CA GLU C 160 -9.68 16.77 16.89
C GLU C 160 -10.76 17.84 16.69
N THR C 161 -10.58 19.00 17.31
CA THR C 161 -11.60 20.05 17.26
C THR C 161 -11.08 21.36 16.68
N ILE C 162 -9.82 21.39 16.25
CA ILE C 162 -9.22 22.60 15.70
C ILE C 162 -9.97 23.05 14.46
N THR C 163 -10.09 24.37 14.30
CA THR C 163 -10.82 24.92 13.17
C THR C 163 -9.80 25.44 12.16
N GLU C 164 -10.23 25.61 10.92
CA GLU C 164 -9.35 26.16 9.90
C GLU C 164 -8.79 27.53 10.32
N GLU C 165 -9.64 28.38 10.89
CA GLU C 165 -9.22 29.71 11.30
C GLU C 165 -8.16 29.63 12.42
N GLU C 166 -8.29 28.67 13.32
CA GLU C 166 -7.28 28.50 14.35
C GLU C 166 -5.94 28.09 13.74
N LEU C 167 -5.98 27.17 12.79
CA LEU C 167 -4.78 26.70 12.11
C LEU C 167 -4.09 27.84 11.33
N VAL C 168 -4.88 28.62 10.61
CA VAL C 168 -4.35 29.79 9.88
C VAL C 168 -3.59 30.70 10.85
N GLY C 169 -4.17 30.94 12.01
CA GLY C 169 -3.54 31.80 13.01
C GLY C 169 -2.20 31.26 13.46
N LEU C 170 -2.14 29.94 13.64
CA LEU C 170 -0.89 29.29 14.08
C LEU C 170 0.15 29.34 12.99
N MET C 171 -0.26 29.15 11.75
CA MET C 171 0.69 29.17 10.66
C MET C 171 1.28 30.57 10.52
N ASN C 172 0.42 31.58 10.60
CA ASN C 172 0.89 32.95 10.53
C ASN C 172 1.76 33.31 11.74
N LYS C 173 1.43 32.73 12.89
CA LYS C 173 2.22 32.95 14.11
C LYS C 173 3.66 32.44 13.93
N PHE C 174 3.83 31.24 13.37
CA PHE C 174 5.18 30.74 13.09
C PHE C 174 5.95 31.72 12.21
N VAL C 175 5.33 32.19 11.14
CA VAL C 175 6.00 33.10 10.22
C VAL C 175 6.40 34.39 10.94
N GLU C 176 5.47 34.94 11.70
CA GLU C 176 5.70 36.17 12.44
C GLU C 176 6.79 35.98 13.50
N ASP C 177 6.79 34.83 14.16
CA ASP C 177 7.78 34.57 15.19
C ASP C 177 9.19 34.46 14.61
N THR C 178 9.30 33.94 13.38
CA THR C 178 10.62 33.90 12.73
C THR C 178 11.14 35.29 12.37
N LYS C 179 10.22 36.20 12.06
CA LYS C 179 10.60 37.57 11.73
C LYS C 179 11.05 38.30 12.98
N LYS C 180 10.43 37.96 14.10
CA LYS C 180 10.77 38.59 15.38
C LYS C 180 11.97 37.90 16.03
N GLY C 181 12.40 36.79 15.44
CA GLY C 181 13.55 36.04 15.93
C GLY C 181 13.30 35.27 17.21
N VAL C 182 12.05 34.97 17.49
CA VAL C 182 11.68 34.30 18.73
C VAL C 182 10.99 32.93 18.50
N HIS C 183 11.12 32.38 17.30
CA HIS C 183 10.42 31.12 16.99
C HIS C 183 10.86 29.93 17.85
N GLN C 184 12.14 29.90 18.20
CA GLN C 184 12.65 28.85 19.08
C GLN C 184 11.99 28.93 20.45
N LYS C 185 12.05 30.10 21.06
CA LYS C 185 11.45 30.31 22.38
C LYS C 185 9.95 30.03 22.36
N GLU C 186 9.29 30.35 21.26
CA GLU C 186 7.84 30.16 21.15
C GLU C 186 7.46 28.72 20.86
N GLY C 187 8.44 27.83 20.76
CA GLY C 187 8.15 26.40 20.70
C GLY C 187 8.17 25.77 19.32
N TRP C 188 8.53 26.55 18.31
CA TRP C 188 8.54 26.08 16.93
C TRP C 188 9.78 25.27 16.59
N PRO C 189 9.68 24.32 15.65
CA PRO C 189 10.85 23.58 15.18
C PRO C 189 11.69 24.42 14.21
N SER C 190 12.80 23.85 13.72
CA SER C 190 13.74 24.62 12.90
C SER C 190 13.54 24.50 11.38
N SER C 191 12.62 23.64 10.95
CA SER C 191 12.35 23.48 9.51
C SER C 191 11.09 24.23 9.11
N ALA C 192 11.26 25.26 8.30
CA ALA C 192 10.12 26.03 7.82
C ALA C 192 9.22 25.11 6.99
N TYR C 193 9.84 24.35 6.10
CA TYR C 193 9.13 23.41 5.25
C TYR C 193 8.27 22.46 6.09
N GLY C 194 8.88 21.88 7.13
CA GLY C 194 8.17 20.98 8.01
C GLY C 194 6.93 21.57 8.64
N VAL C 195 7.05 22.78 9.17
CA VAL C 195 5.91 23.48 9.71
C VAL C 195 4.80 23.66 8.66
N THR C 196 5.18 24.04 7.43
CA THR C 196 4.17 24.21 6.39
C THR C 196 3.44 22.89 6.10
N LYS C 197 4.14 21.76 6.23
CA LYS C 197 3.53 20.46 6.01
C LYS C 197 2.70 20.00 7.22
N ILE C 198 3.03 20.49 8.41
CA ILE C 198 2.09 20.38 9.52
C ILE C 198 0.78 21.05 9.10
N GLY C 199 0.91 22.22 8.49
CA GLY C 199 -0.27 22.97 8.03
C GLY C 199 -1.09 22.15 7.05
N VAL C 200 -0.42 21.48 6.12
CA VAL C 200 -1.14 20.68 5.11
C VAL C 200 -1.83 19.48 5.76
N THR C 201 -1.10 18.77 6.64
CA THR C 201 -1.63 17.58 7.29
C THR C 201 -2.87 17.92 8.14
N VAL C 202 -2.77 18.99 8.94
CA VAL C 202 -3.86 19.38 9.82
C VAL C 202 -5.03 19.94 9.02
N LEU C 203 -4.73 20.71 7.98
CA LEU C 203 -5.78 21.24 7.11
C LEU C 203 -6.57 20.10 6.48
N SER C 204 -5.89 19.00 6.15
CA SER C 204 -6.55 17.80 5.64
C SER C 204 -7.51 17.19 6.67
N ARG C 205 -7.06 17.10 7.91
CA ARG C 205 -7.88 16.56 8.98
C ARG C 205 -9.13 17.43 9.20
N ILE C 206 -8.94 18.73 9.13
CA ILE C 206 -10.05 19.67 9.30
C ILE C 206 -11.05 19.52 8.15
N HIS C 207 -10.54 19.47 6.93
CA HIS C 207 -11.42 19.41 5.78
C HIS C 207 -12.20 18.10 5.70
N ALA C 208 -11.59 17.00 6.13
CA ALA C 208 -12.28 15.72 6.15
C ALA C 208 -13.44 15.78 7.14
N ARG C 209 -13.22 16.44 8.27
CA ARG C 209 -14.31 16.61 9.22
C ARG C 209 -15.44 17.48 8.68
N LYS C 210 -15.10 18.54 7.97
CA LYS C 210 -16.09 19.43 7.35
C LYS C 210 -16.94 18.68 6.34
N LEU C 211 -16.31 17.84 5.53
CA LEU C 211 -17.03 17.05 4.54
C LEU C 211 -18.01 16.09 5.21
N SER C 212 -17.58 15.46 6.29
CA SER C 212 -18.42 14.49 6.98
C SER C 212 -19.61 15.17 7.63
N GLU C 213 -19.49 16.48 7.88
CA GLU C 213 -20.54 17.18 8.58
C GLU C 213 -21.44 18.00 7.66
N GLN C 214 -20.89 18.50 6.56
CA GLN C 214 -21.68 19.30 5.61
C GLN C 214 -22.22 18.43 4.49
N ARG C 215 -21.49 17.36 4.17
CA ARG C 215 -21.85 16.56 3.00
C ARG C 215 -21.87 15.07 3.32
N LYS C 216 -22.42 14.75 4.49
CA LYS C 216 -22.73 13.38 4.85
C LYS C 216 -23.67 12.83 3.79
N GLY C 217 -23.30 11.70 3.21
CA GLY C 217 -24.09 11.10 2.16
C GLY C 217 -23.44 11.21 0.80
N ASP C 218 -22.47 12.11 0.66
CA ASP C 218 -21.77 12.27 -0.62
C ASP C 218 -20.58 11.34 -0.77
N LYS C 219 -20.23 10.61 0.30
CA LYS C 219 -19.15 9.62 0.28
C LYS C 219 -17.83 10.13 -0.32
N ILE C 220 -17.50 11.38 -0.05
CA ILE C 220 -16.23 11.93 -0.48
C ILE C 220 -15.15 11.54 0.53
N LEU C 221 -13.96 11.19 0.04
CA LEU C 221 -12.84 10.86 0.90
C LEU C 221 -11.70 11.83 0.64
N LEU C 222 -11.05 12.26 1.72
CA LEU C 222 -9.98 13.26 1.64
C LEU C 222 -8.91 12.87 2.66
N ASN C 223 -7.66 12.79 2.21
CA ASN C 223 -6.56 12.39 3.07
C ASN C 223 -5.31 13.18 2.75
N ALA C 224 -4.38 13.26 3.71
CA ALA C 224 -3.04 13.74 3.42
C ALA C 224 -2.15 12.52 3.23
N CYS C 225 -1.06 12.68 2.48
CA CYS C 225 -0.11 11.58 2.34
C CYS C 225 1.35 12.03 2.28
N CYS C 226 2.28 11.10 2.50
CA CYS C 226 3.70 11.31 2.16
C CYS C 226 4.01 10.36 1.04
N PRO C 227 4.63 10.88 -0.01
CA PRO C 227 5.02 10.09 -1.18
C PRO C 227 6.29 9.30 -0.90
N GLY C 228 6.96 9.62 0.20
CA GLY C 228 8.27 9.06 0.48
C GLY C 228 9.36 9.96 -0.06
N TRP C 229 10.61 9.49 0.02
CA TRP C 229 11.78 10.29 -0.37
C TRP C 229 12.05 10.06 -1.86
N VAL C 230 11.73 11.05 -2.68
CA VAL C 230 11.67 10.85 -4.12
C VAL C 230 12.70 11.69 -4.89
N ARG C 231 13.36 11.07 -5.87
CA ARG C 231 14.34 11.77 -6.69
C ARG C 231 13.70 12.77 -7.63
N THR C 232 13.68 14.03 -7.20
CA THR C 232 13.12 15.13 -7.97
C THR C 232 14.03 16.34 -7.81
N ASP C 233 13.68 17.45 -8.45
CA ASP C 233 14.44 18.69 -8.30
C ASP C 233 14.37 19.23 -6.87
N MET C 234 13.36 18.81 -6.13
CA MET C 234 13.26 19.23 -4.73
C MET C 234 14.25 18.47 -3.85
N ALA C 235 14.19 17.14 -3.91
CA ALA C 235 14.98 16.31 -3.01
C ALA C 235 16.39 15.99 -3.52
N GLY C 236 16.57 16.05 -4.83
CA GLY C 236 17.84 15.66 -5.44
C GLY C 236 17.99 14.17 -5.66
N PRO C 237 19.15 13.75 -6.20
CA PRO C 237 19.41 12.38 -6.67
C PRO C 237 19.78 11.34 -5.58
N LYS C 238 19.94 11.75 -4.33
CA LYS C 238 20.28 10.80 -3.26
C LYS C 238 19.04 10.13 -2.66
N ALA C 239 17.87 10.66 -3.00
CA ALA C 239 16.59 10.08 -2.56
C ALA C 239 16.46 8.63 -3.05
N THR C 240 15.63 7.84 -2.38
CA THR C 240 15.58 6.41 -2.65
C THR C 240 14.48 5.95 -3.61
N LYS C 241 13.47 6.80 -3.82
CA LYS C 241 12.36 6.44 -4.72
C LYS C 241 12.43 7.16 -6.07
N SER C 242 11.94 6.51 -7.12
CA SER C 242 11.71 7.22 -8.37
C SER C 242 10.39 7.98 -8.27
N PRO C 243 10.15 8.92 -9.20
CA PRO C 243 8.84 9.61 -9.19
C PRO C 243 7.66 8.63 -9.32
N GLU C 244 7.83 7.61 -10.15
CA GLU C 244 6.79 6.61 -10.35
C GLU C 244 6.45 5.90 -9.03
N GLU C 245 7.47 5.63 -8.23
CA GLU C 245 7.24 5.00 -6.93
C GLU C 245 6.64 6.02 -5.96
N GLY C 246 7.05 7.28 -6.08
CA GLY C 246 6.53 8.32 -5.21
C GLY C 246 5.04 8.52 -5.41
N ALA C 247 4.58 8.30 -6.63
CA ALA C 247 3.19 8.54 -6.99
C ALA C 247 2.22 7.46 -6.50
N GLU C 248 2.76 6.32 -6.06
CA GLU C 248 1.91 5.19 -5.70
C GLU C 248 0.85 5.45 -4.62
N THR C 249 1.26 6.01 -3.48
CA THR C 249 0.30 6.31 -2.42
C THR C 249 -0.72 7.41 -2.83
N PRO C 250 -0.26 8.52 -3.44
CA PRO C 250 -1.25 9.52 -3.85
C PRO C 250 -2.28 8.95 -4.84
N VAL C 251 -1.84 8.11 -5.77
CA VAL C 251 -2.77 7.52 -6.74
C VAL C 251 -3.75 6.56 -6.06
N TYR C 252 -3.23 5.76 -5.14
CA TYR C 252 -4.04 4.85 -4.32
C TYR C 252 -5.17 5.62 -3.63
N LEU C 253 -4.82 6.77 -3.07
CA LEU C 253 -5.79 7.62 -2.39
C LEU C 253 -6.80 8.29 -3.33
N ALA C 254 -6.38 8.54 -4.56
CA ALA C 254 -7.25 9.18 -5.55
C ALA C 254 -8.26 8.17 -6.12
N LEU C 255 -7.89 6.90 -6.11
CA LEU C 255 -8.70 5.86 -6.73
C LEU C 255 -9.41 4.92 -5.76
N LEU C 256 -9.52 5.31 -4.49
CA LEU C 256 -10.25 4.50 -3.50
C LEU C 256 -11.65 4.12 -4.02
N PRO C 257 -12.04 2.84 -3.85
CA PRO C 257 -13.28 2.33 -4.46
C PRO C 257 -14.50 3.11 -4.00
N PRO C 258 -15.50 3.23 -4.89
CA PRO C 258 -16.75 3.91 -4.57
C PRO C 258 -17.36 3.34 -3.30
N ASP C 259 -18.01 4.20 -2.50
CA ASP C 259 -18.69 3.72 -1.30
C ASP C 259 -17.76 3.30 -0.16
N ALA C 260 -16.45 3.42 -0.35
CA ALA C 260 -15.49 3.17 0.73
C ALA C 260 -15.75 4.12 1.90
N GLU C 261 -15.59 3.61 3.12
CA GLU C 261 -15.85 4.41 4.31
C GLU C 261 -14.56 5.07 4.80
N GLY C 262 -13.43 4.52 4.36
CA GLY C 262 -12.13 5.03 4.75
C GLY C 262 -11.06 4.62 3.74
N PRO C 263 -9.82 5.12 3.91
CA PRO C 263 -9.41 6.09 4.93
C PRO C 263 -10.02 7.46 4.66
N HIS C 264 -10.30 8.21 5.71
CA HIS C 264 -10.80 9.57 5.57
C HIS C 264 -10.18 10.41 6.67
N GLY C 265 -9.59 11.53 6.28
CA GLY C 265 -8.93 12.42 7.24
C GLY C 265 -7.67 11.83 7.84
N GLN C 266 -7.10 10.86 7.15
CA GLN C 266 -5.91 10.19 7.63
C GLN C 266 -4.65 10.75 6.99
N PHE C 267 -3.52 10.55 7.66
CA PHE C 267 -2.18 10.83 7.13
C PHE C 267 -1.60 9.49 6.69
N VAL C 268 -1.42 9.32 5.38
CA VAL C 268 -1.14 8.00 4.82
C VAL C 268 0.24 7.94 4.19
N SER C 269 0.99 6.87 4.47
CA SER C 269 2.33 6.70 3.91
C SER C 269 2.48 5.23 3.59
N GLU C 270 2.98 4.92 2.40
CA GLU C 270 3.07 3.53 1.94
C GLU C 270 1.72 2.82 2.06
N LYS C 271 0.65 3.55 1.73
CA LYS C 271 -0.72 3.02 1.73
C LYS C 271 -1.21 2.63 3.12
N ARG C 272 -0.49 3.03 4.15
CA ARG C 272 -0.87 2.74 5.53
C ARG C 272 -1.16 4.01 6.34
N VAL C 273 -2.11 3.94 7.24
CA VAL C 273 -2.42 5.06 8.14
C VAL C 273 -1.31 5.21 9.17
N GLU C 274 -0.74 6.40 9.25
CA GLU C 274 0.32 6.69 10.23
C GLU C 274 -0.28 7.51 11.36
N GLN C 275 0.27 7.33 12.56
CA GLN C 275 -0.24 8.03 13.74
C GLN C 275 0.08 9.53 13.66
N TRP C 276 -0.91 10.37 13.96
CA TRP C 276 -0.67 11.80 14.07
C TRP C 276 -0.80 12.23 15.53
N GLY D 3 -11.49 41.25 45.29
CA GLY D 3 -10.37 40.79 44.50
C GLY D 3 -10.28 41.56 43.20
N ILE D 4 -9.65 40.98 42.18
CA ILE D 4 -9.74 41.65 40.89
C ILE D 4 -10.87 41.08 40.07
N HIS D 5 -11.48 41.96 39.29
CA HIS D 5 -12.58 41.58 38.45
C HIS D 5 -12.05 41.38 37.05
N VAL D 6 -12.73 40.57 36.26
CA VAL D 6 -12.28 40.35 34.90
C VAL D 6 -13.48 40.39 33.96
N ALA D 7 -13.29 41.03 32.81
CA ALA D 7 -14.29 41.04 31.73
C ALA D 7 -13.70 40.42 30.49
N LEU D 8 -14.53 39.79 29.68
CA LEU D 8 -14.04 39.12 28.48
C LEU D 8 -14.97 39.34 27.31
N VAL D 9 -14.41 39.57 26.12
CA VAL D 9 -15.22 39.75 24.92
C VAL D 9 -14.84 38.70 23.88
N THR D 10 -15.83 38.00 23.33
CA THR D 10 -15.53 37.04 22.26
C THR D 10 -15.57 37.78 20.93
N GLY D 11 -14.80 37.32 19.95
CA GLY D 11 -14.72 38.02 18.67
C GLY D 11 -14.26 39.46 18.83
N GLY D 12 -13.16 39.65 19.54
CA GLY D 12 -12.75 40.99 19.95
C GLY D 12 -11.69 41.64 19.08
N ASN D 13 -11.30 40.97 17.99
CA ASN D 13 -10.18 41.50 17.20
C ASN D 13 -10.55 42.61 16.22
N LYS D 14 -11.83 42.73 15.89
CA LYS D 14 -12.28 43.74 14.93
C LYS D 14 -13.76 44.05 15.14
N GLY D 15 -14.26 45.03 14.39
CA GLY D 15 -15.68 45.37 14.42
C GLY D 15 -16.21 45.80 15.79
N ILE D 16 -17.44 45.43 16.08
CA ILE D 16 -18.10 45.81 17.33
C ILE D 16 -17.33 45.29 18.55
N GLY D 17 -16.83 44.07 18.46
CA GLY D 17 -16.14 43.45 19.59
C GLY D 17 -14.92 44.24 20.00
N LEU D 18 -14.16 44.70 19.02
CA LEU D 18 -12.99 45.52 19.29
C LEU D 18 -13.38 46.82 19.99
N ALA D 19 -14.44 47.45 19.52
CA ALA D 19 -14.91 48.69 20.14
C ALA D 19 -15.43 48.44 21.56
N ILE D 20 -16.03 47.28 21.78
CA ILE D 20 -16.51 46.94 23.13
C ILE D 20 -15.30 46.76 24.05
N VAL D 21 -14.24 46.12 23.55
CA VAL D 21 -13.04 45.92 24.33
C VAL D 21 -12.46 47.27 24.69
N ARG D 22 -12.36 48.16 23.70
CA ARG D 22 -11.82 49.49 23.94
C ARG D 22 -12.58 50.21 25.06
N ASP D 23 -13.92 50.19 24.99
CA ASP D 23 -14.71 50.82 26.05
C ASP D 23 -14.47 50.20 27.41
N LEU D 24 -14.50 48.87 27.49
CA LEU D 24 -14.26 48.20 28.77
C LEU D 24 -12.87 48.48 29.33
N CYS D 25 -11.87 48.59 28.46
CA CYS D 25 -10.52 48.95 28.94
C CYS D 25 -10.52 50.29 29.65
N ARG D 26 -11.32 51.22 29.15
CA ARG D 26 -11.40 52.57 29.72
C ARG D 26 -12.29 52.64 30.96
N LEU D 27 -13.28 51.77 31.02
CA LEU D 27 -14.38 51.92 31.99
C LEU D 27 -14.49 50.84 33.05
N PHE D 28 -14.08 49.62 32.70
CA PHE D 28 -14.25 48.51 33.63
C PHE D 28 -13.15 48.48 34.66
N SER D 29 -13.53 48.42 35.94
CA SER D 29 -12.55 48.36 37.01
C SER D 29 -12.07 46.93 37.20
N GLY D 30 -11.03 46.57 36.46
CA GLY D 30 -10.48 45.23 36.48
C GLY D 30 -9.76 44.90 35.18
N ASP D 31 -9.35 43.66 35.02
CA ASP D 31 -8.69 43.22 33.79
C ASP D 31 -9.73 42.99 32.70
N VAL D 32 -9.37 43.31 31.47
CA VAL D 32 -10.26 43.11 30.34
C VAL D 32 -9.56 42.19 29.35
N VAL D 33 -10.21 41.09 28.99
CA VAL D 33 -9.58 40.13 28.09
C VAL D 33 -10.16 40.21 26.69
N LEU D 34 -9.34 40.62 25.73
CA LEU D 34 -9.70 40.55 24.32
C LEU D 34 -9.41 39.12 23.85
N THR D 35 -10.42 38.44 23.32
CA THR D 35 -10.21 37.10 22.77
C THR D 35 -10.43 37.08 21.27
N ALA D 36 -9.76 36.16 20.59
CA ALA D 36 -9.90 36.05 19.14
C ALA D 36 -9.56 34.64 18.71
N ARG D 37 -10.13 34.18 17.60
CA ARG D 37 -9.86 32.81 17.17
C ARG D 37 -8.50 32.71 16.51
N ASP D 38 -8.11 33.76 15.81
CA ASP D 38 -6.81 33.81 15.14
C ASP D 38 -5.85 34.59 16.05
N VAL D 39 -4.87 33.89 16.61
CA VAL D 39 -3.93 34.52 17.55
C VAL D 39 -3.16 35.68 16.92
N THR D 40 -2.87 35.58 15.63
CA THR D 40 -2.15 36.65 14.96
C THR D 40 -2.99 37.93 14.86
N ARG D 41 -4.25 37.78 14.47
CA ARG D 41 -5.17 38.92 14.43
C ARG D 41 -5.46 39.45 15.83
N GLY D 42 -5.57 38.52 16.79
CA GLY D 42 -5.83 38.88 18.16
C GLY D 42 -4.71 39.75 18.72
N GLN D 43 -3.47 39.30 18.55
CA GLN D 43 -2.35 40.07 19.06
C GLN D 43 -2.17 41.41 18.33
N ALA D 44 -2.49 41.47 17.05
CA ALA D 44 -2.41 42.75 16.33
C ALA D 44 -3.44 43.75 16.87
N ALA D 45 -4.62 43.25 17.23
CA ALA D 45 -5.65 44.11 17.80
C ALA D 45 -5.20 44.58 19.19
N VAL D 46 -4.55 43.69 19.93
CA VAL D 46 -3.99 44.06 21.23
C VAL D 46 -2.95 45.17 21.06
N GLN D 47 -2.04 45.00 20.11
CA GLN D 47 -1.04 46.02 19.82
C GLN D 47 -1.65 47.37 19.42
N GLN D 48 -2.73 47.33 18.64
CA GLN D 48 -3.45 48.55 18.24
C GLN D 48 -3.97 49.30 19.47
N LEU D 49 -4.62 48.57 20.38
CA LEU D 49 -5.15 49.20 21.60
C LEU D 49 -4.05 49.69 22.53
N GLN D 50 -2.94 48.97 22.57
CA GLN D 50 -1.81 49.38 23.38
C GLN D 50 -1.27 50.70 22.86
N ALA D 51 -1.27 50.86 21.54
CA ALA D 51 -0.85 52.13 20.93
C ALA D 51 -1.80 53.27 21.30
N GLU D 52 -3.04 52.93 21.66
CA GLU D 52 -4.00 53.92 22.14
C GLU D 52 -3.84 54.17 23.64
N GLY D 53 -2.91 53.46 24.27
CA GLY D 53 -2.65 53.62 25.70
C GLY D 53 -3.44 52.68 26.60
N LEU D 54 -4.08 51.68 26.01
CA LEU D 54 -4.90 50.74 26.78
C LEU D 54 -4.12 49.45 27.05
N SER D 55 -4.58 48.66 28.01
CA SER D 55 -3.86 47.45 28.41
C SER D 55 -4.73 46.21 28.43
N PRO D 56 -5.31 45.84 27.27
CA PRO D 56 -6.08 44.58 27.25
C PRO D 56 -5.20 43.37 27.44
N ARG D 57 -5.70 42.36 28.14
CA ARG D 57 -5.04 41.05 28.12
C ARG D 57 -5.52 40.32 26.87
N PHE D 58 -4.81 39.26 26.48
CA PHE D 58 -5.25 38.44 25.35
C PHE D 58 -5.35 36.97 25.71
N HIS D 59 -6.37 36.31 25.19
CA HIS D 59 -6.43 34.86 25.26
C HIS D 59 -7.15 34.39 24.01
N GLN D 60 -6.63 33.32 23.42
CA GLN D 60 -7.22 32.76 22.21
C GLN D 60 -8.59 32.18 22.54
N LEU D 61 -9.51 32.30 21.60
CA LEU D 61 -10.83 31.69 21.71
C LEU D 61 -11.52 31.58 20.35
N ASP D 62 -11.78 30.34 19.95
CA ASP D 62 -12.66 30.06 18.82
C ASP D 62 -13.89 29.39 19.39
N ILE D 63 -15.07 30.02 19.24
CA ILE D 63 -16.27 29.50 19.89
C ILE D 63 -16.79 28.25 19.21
N ASP D 64 -16.20 27.88 18.07
CA ASP D 64 -16.58 26.62 17.42
C ASP D 64 -15.68 25.44 17.79
N ASP D 65 -14.74 25.69 18.69
CA ASP D 65 -13.80 24.65 19.15
C ASP D 65 -13.98 24.45 20.64
N LEU D 66 -14.61 23.35 21.05
CA LEU D 66 -14.91 23.12 22.47
C LEU D 66 -13.65 23.04 23.33
N GLN D 67 -12.54 22.55 22.76
CA GLN D 67 -11.29 22.53 23.50
C GLN D 67 -10.74 23.93 23.73
N SER D 68 -10.99 24.83 22.80
CA SER D 68 -10.58 26.23 22.97
C SER D 68 -11.41 26.89 24.07
N ILE D 69 -12.70 26.61 24.08
CA ILE D 69 -13.56 27.17 25.11
C ILE D 69 -13.11 26.64 26.47
N ARG D 70 -12.84 25.34 26.55
CA ARG D 70 -12.42 24.76 27.82
C ARG D 70 -11.07 25.26 28.34
N ALA D 71 -10.14 25.54 27.43
CA ALA D 71 -8.84 26.07 27.84
C ALA D 71 -9.02 27.47 28.42
N LEU D 72 -9.91 28.26 27.84
CA LEU D 72 -10.23 29.59 28.37
C LEU D 72 -10.91 29.49 29.73
N ARG D 73 -11.83 28.54 29.87
CA ARG D 73 -12.49 28.28 31.15
C ARG D 73 -11.48 27.96 32.26
N ASP D 74 -10.51 27.10 31.94
CA ASP D 74 -9.52 26.71 32.95
C ASP D 74 -8.61 27.90 33.27
N PHE D 75 -8.31 28.70 32.26
CA PHE D 75 -7.50 29.88 32.46
C PHE D 75 -8.18 30.86 33.41
N LEU D 76 -9.45 31.13 33.18
CA LEU D 76 -10.18 32.08 34.00
C LEU D 76 -10.29 31.59 35.44
N ARG D 77 -10.57 30.30 35.60
CA ARG D 77 -10.67 29.74 36.95
C ARG D 77 -9.34 29.87 37.70
N LYS D 78 -8.25 29.58 37.01
CA LYS D 78 -6.92 29.62 37.62
C LYS D 78 -6.47 31.04 37.95
N GLU D 79 -6.63 31.95 36.99
CA GLU D 79 -6.09 33.30 37.13
C GLU D 79 -6.98 34.27 37.90
N TYR D 80 -8.29 34.09 37.79
CA TYR D 80 -9.26 35.02 38.37
C TYR D 80 -10.27 34.40 39.33
N GLY D 81 -10.38 33.06 39.34
CA GLY D 81 -11.37 32.40 40.16
C GLY D 81 -12.78 32.49 39.61
N GLY D 82 -12.88 32.85 38.33
CA GLY D 82 -14.17 33.01 37.70
C GLY D 82 -14.17 34.18 36.75
N LEU D 83 -15.34 34.78 36.55
CA LEU D 83 -15.53 35.79 35.52
C LEU D 83 -16.61 36.76 35.95
N ASP D 84 -16.39 38.05 35.73
CA ASP D 84 -17.38 39.06 36.11
C ASP D 84 -18.25 39.52 34.94
N VAL D 85 -17.63 39.84 33.82
CA VAL D 85 -18.38 40.25 32.65
C VAL D 85 -18.05 39.38 31.45
N LEU D 86 -19.09 38.85 30.81
CA LEU D 86 -18.97 38.05 29.60
C LEU D 86 -19.77 38.71 28.47
N VAL D 87 -19.09 39.08 27.39
CA VAL D 87 -19.79 39.59 26.21
C VAL D 87 -19.64 38.60 25.06
N ASN D 88 -20.74 37.93 24.74
CA ASN D 88 -20.78 37.01 23.61
C ASN D 88 -21.05 37.78 22.32
N ASN D 89 -19.97 38.23 21.67
CA ASN D 89 -20.08 39.08 20.50
C ASN D 89 -19.80 38.37 19.17
N ALA D 90 -18.96 37.34 19.21
CA ALA D 90 -18.57 36.61 18.03
C ALA D 90 -19.79 36.19 17.20
N GLY D 91 -19.73 36.41 15.90
CA GLY D 91 -20.79 36.00 15.01
C GLY D 91 -20.39 36.13 13.57
N ILE D 92 -21.14 35.48 12.68
CA ILE D 92 -20.82 35.52 11.27
C ILE D 92 -22.11 35.70 10.47
N ALA D 93 -21.97 36.12 9.22
CA ALA D 93 -23.12 36.18 8.34
C ALA D 93 -22.64 36.02 6.91
N PHE D 94 -23.41 35.30 6.10
CA PHE D 94 -23.14 35.23 4.67
C PHE D 94 -23.71 36.48 4.02
N LYS D 95 -23.13 36.89 2.90
CA LYS D 95 -23.67 38.05 2.18
C LYS D 95 -25.11 37.77 1.72
N VAL D 96 -25.91 38.83 1.57
CA VAL D 96 -27.30 38.71 1.16
C VAL D 96 -27.42 38.01 -0.19
N ALA D 97 -26.57 38.41 -1.12
CA ALA D 97 -26.56 37.78 -2.45
C ALA D 97 -25.39 36.80 -2.62
N ASP D 98 -25.07 36.06 -1.56
CA ASP D 98 -24.01 35.07 -1.63
C ASP D 98 -24.54 33.83 -2.33
N PRO D 99 -23.77 33.28 -3.28
CA PRO D 99 -24.20 32.14 -4.08
C PRO D 99 -24.07 30.78 -3.39
N THR D 100 -23.46 30.73 -2.19
CA THR D 100 -23.40 29.49 -1.41
C THR D 100 -24.82 28.93 -1.21
N PRO D 101 -24.99 27.62 -1.42
CA PRO D 101 -26.28 26.93 -1.23
C PRO D 101 -26.91 27.28 0.12
N PHE D 102 -28.19 27.62 0.11
CA PHE D 102 -28.84 28.12 1.32
C PHE D 102 -28.73 27.16 2.50
N HIS D 103 -28.84 25.86 2.23
CA HIS D 103 -28.73 24.89 3.32
C HIS D 103 -27.34 24.88 3.95
N ILE D 104 -26.32 25.23 3.17
CA ILE D 104 -24.97 25.32 3.69
C ILE D 104 -24.83 26.60 4.53
N GLN D 105 -25.39 27.69 4.03
CA GLN D 105 -25.42 28.93 4.79
C GLN D 105 -26.12 28.70 6.12
N ALA D 106 -27.21 27.94 6.09
CA ALA D 106 -27.94 27.67 7.32
C ALA D 106 -27.08 26.91 8.33
N GLU D 107 -26.50 25.80 7.90
CA GLU D 107 -25.69 24.98 8.80
C GLU D 107 -24.46 25.73 9.33
N VAL D 108 -23.76 26.44 8.45
CA VAL D 108 -22.56 27.18 8.85
C VAL D 108 -22.87 28.32 9.81
N THR D 109 -23.85 29.15 9.45
CA THR D 109 -24.22 30.27 10.29
C THR D 109 -24.75 29.79 11.65
N MET D 110 -25.54 28.71 11.64
CA MET D 110 -26.06 28.20 12.91
C MET D 110 -24.95 27.66 13.82
N LYS D 111 -23.97 26.99 13.22
CA LYS D 111 -22.88 26.35 13.96
C LYS D 111 -22.15 27.36 14.85
N THR D 112 -21.88 28.54 14.30
CA THR D 112 -21.18 29.57 15.06
C THR D 112 -22.14 30.37 15.93
N ASN D 113 -23.09 31.06 15.31
CA ASN D 113 -23.94 32.02 16.03
C ASN D 113 -24.78 31.41 17.15
N PHE D 114 -25.31 30.21 16.92
CA PHE D 114 -26.12 29.61 17.96
C PHE D 114 -25.36 28.58 18.78
N PHE D 115 -24.86 27.54 18.14
CA PHE D 115 -24.18 26.48 18.88
C PHE D 115 -22.87 26.90 19.55
N GLY D 116 -22.08 27.73 18.88
CA GLY D 116 -20.84 28.21 19.46
C GLY D 116 -21.13 29.09 20.65
N THR D 117 -22.05 30.02 20.48
CA THR D 117 -22.46 30.90 21.56
C THR D 117 -22.96 30.07 22.74
N ARG D 118 -23.76 29.07 22.43
CA ARG D 118 -24.32 28.19 23.44
C ARG D 118 -23.24 27.43 24.21
N ASP D 119 -22.23 26.93 23.49
CA ASP D 119 -21.13 26.22 24.13
C ASP D 119 -20.32 27.12 25.05
N VAL D 120 -20.11 28.37 24.64
CA VAL D 120 -19.42 29.34 25.51
C VAL D 120 -20.22 29.53 26.79
N CYS D 121 -21.54 29.70 26.66
CA CYS D 121 -22.40 29.85 27.81
C CYS D 121 -22.38 28.62 28.72
N THR D 122 -22.52 27.44 28.13
CA THR D 122 -22.43 26.19 28.88
C THR D 122 -21.19 26.12 29.78
N GLU D 123 -20.03 26.43 29.21
CA GLU D 123 -18.76 26.34 29.92
C GLU D 123 -18.44 27.52 30.82
N LEU D 124 -18.93 28.72 30.49
CA LEU D 124 -18.54 29.91 31.26
C LEU D 124 -19.58 30.46 32.25
N LEU D 125 -20.86 30.27 31.97
CA LEU D 125 -21.88 30.70 32.94
C LEU D 125 -21.65 30.19 34.39
N PRO D 126 -21.13 28.96 34.56
CA PRO D 126 -20.81 28.55 35.94
C PRO D 126 -19.73 29.38 36.61
N LEU D 127 -18.95 30.11 35.83
CA LEU D 127 -17.86 30.90 36.39
C LEU D 127 -18.30 32.31 36.76
N ILE D 128 -19.49 32.72 36.32
CA ILE D 128 -19.93 34.09 36.56
C ILE D 128 -20.07 34.37 38.07
N LYS D 129 -19.44 35.45 38.52
CA LYS D 129 -19.43 35.81 39.94
C LYS D 129 -20.67 36.61 40.30
N PRO D 130 -21.00 36.68 41.60
CA PRO D 130 -22.11 37.55 42.02
C PRO D 130 -21.89 38.96 41.49
N GLN D 131 -22.97 39.65 41.14
CA GLN D 131 -22.94 40.98 40.53
C GLN D 131 -22.35 40.97 39.11
N GLY D 132 -22.18 39.78 38.56
CA GLY D 132 -21.70 39.64 37.19
C GLY D 132 -22.73 40.04 36.16
N ARG D 133 -22.26 40.31 34.95
CA ARG D 133 -23.16 40.64 33.83
C ARG D 133 -22.78 39.84 32.59
N VAL D 134 -23.79 39.33 31.91
CA VAL D 134 -23.60 38.61 30.66
C VAL D 134 -24.41 39.29 29.57
N VAL D 135 -23.75 39.54 28.45
CA VAL D 135 -24.35 40.26 27.33
C VAL D 135 -24.22 39.40 26.06
N ASN D 136 -25.35 38.97 25.49
CA ASN D 136 -25.36 38.22 24.25
C ASN D 136 -25.74 39.12 23.07
N VAL D 137 -24.83 39.25 22.11
CA VAL D 137 -25.06 40.14 20.98
C VAL D 137 -25.92 39.42 19.95
N SER D 138 -27.16 39.86 19.84
CA SER D 138 -28.11 39.31 18.88
C SER D 138 -28.28 40.36 17.79
N SER D 139 -29.49 40.51 17.30
CA SER D 139 -29.78 41.46 16.22
C SER D 139 -31.26 41.71 16.12
N ILE D 140 -31.63 42.90 15.65
CA ILE D 140 -33.02 43.20 15.38
C ILE D 140 -33.53 42.30 14.25
N MET D 141 -32.59 41.69 13.51
CA MET D 141 -32.95 40.67 12.53
C MET D 141 -33.67 39.48 13.18
N SER D 142 -33.40 39.25 14.47
CA SER D 142 -34.10 38.18 15.19
C SER D 142 -35.59 38.45 15.26
N VAL D 143 -35.96 39.70 15.51
CA VAL D 143 -37.37 40.08 15.64
C VAL D 143 -38.03 40.06 14.26
N ARG D 144 -37.31 40.54 13.24
CA ARG D 144 -37.81 40.50 11.87
C ARG D 144 -38.05 39.06 11.42
N ALA D 145 -37.12 38.17 11.78
CA ALA D 145 -37.25 36.78 11.41
C ALA D 145 -38.37 36.12 12.21
N LEU D 146 -38.46 36.47 13.49
CA LEU D 146 -39.54 35.95 14.33
C LEU D 146 -40.89 36.24 13.70
N LYS D 147 -41.09 37.49 13.30
CA LYS D 147 -42.37 37.89 12.75
C LYS D 147 -42.67 37.21 11.40
N SER D 148 -41.63 36.74 10.72
CA SER D 148 -41.82 36.05 9.45
C SER D 148 -42.06 34.56 9.64
N CYS D 149 -41.93 34.10 10.88
CA CYS D 149 -42.21 32.70 11.19
C CYS D 149 -43.71 32.45 11.18
N SER D 150 -44.08 31.18 11.01
CA SER D 150 -45.49 30.77 11.14
C SER D 150 -45.98 31.11 12.55
N PRO D 151 -47.30 31.26 12.72
CA PRO D 151 -47.82 31.55 14.07
C PRO D 151 -47.43 30.46 15.07
N GLU D 152 -47.40 29.20 14.63
CA GLU D 152 -47.02 28.10 15.51
C GLU D 152 -45.59 28.24 16.02
N LEU D 153 -44.66 28.60 15.13
CA LEU D 153 -43.26 28.77 15.51
C LEU D 153 -43.11 30.01 16.38
N GLN D 154 -43.84 31.06 16.03
CA GLN D 154 -43.85 32.28 16.84
C GLN D 154 -44.25 31.99 18.28
N GLN D 155 -45.30 31.19 18.46
CA GLN D 155 -45.73 30.82 19.80
C GLN D 155 -44.61 30.12 20.57
N LYS D 156 -43.95 29.17 19.92
CA LYS D 156 -42.86 28.44 20.56
C LYS D 156 -41.70 29.35 20.99
N PHE D 157 -41.32 30.27 20.11
CA PHE D 157 -40.18 31.14 20.36
C PHE D 157 -40.46 32.23 21.41
N ARG D 158 -41.73 32.56 21.59
CA ARG D 158 -42.12 33.50 22.61
C ARG D 158 -42.45 32.84 23.95
N SER D 159 -42.38 31.51 24.00
CA SER D 159 -42.73 30.75 25.21
C SER D 159 -41.88 31.11 26.45
N GLU D 160 -42.55 31.28 27.59
CA GLU D 160 -41.85 31.57 28.83
C GLU D 160 -41.40 30.28 29.49
N THR D 161 -41.74 29.15 28.87
CA THR D 161 -41.43 27.86 29.46
C THR D 161 -40.49 27.00 28.61
N ILE D 162 -40.10 27.50 27.45
CA ILE D 162 -39.23 26.75 26.53
C ILE D 162 -37.90 26.41 27.18
N THR D 163 -37.42 25.19 26.95
CA THR D 163 -36.17 24.77 27.55
C THR D 163 -35.05 24.90 26.55
N GLU D 164 -33.81 24.87 27.03
CA GLU D 164 -32.64 24.94 26.15
C GLU D 164 -32.66 23.81 25.14
N GLU D 165 -33.07 22.62 25.60
CA GLU D 165 -33.06 21.44 24.73
C GLU D 165 -34.14 21.53 23.66
N GLU D 166 -35.26 22.16 23.97
CA GLU D 166 -36.29 22.39 22.96
C GLU D 166 -35.84 23.42 21.92
N LEU D 167 -35.10 24.43 22.38
CA LEU D 167 -34.63 25.47 21.48
C LEU D 167 -33.61 24.87 20.52
N VAL D 168 -32.74 24.01 21.05
CA VAL D 168 -31.75 23.30 20.23
C VAL D 168 -32.45 22.46 19.16
N GLY D 169 -33.55 21.79 19.53
CA GLY D 169 -34.33 21.04 18.56
C GLY D 169 -34.91 21.91 17.44
N LEU D 170 -35.35 23.11 17.78
CA LEU D 170 -35.91 24.01 16.78
C LEU D 170 -34.83 24.57 15.84
N MET D 171 -33.69 24.97 16.39
CA MET D 171 -32.55 25.43 15.57
C MET D 171 -32.09 24.32 14.64
N ASN D 172 -31.93 23.11 15.17
CA ASN D 172 -31.62 21.97 14.33
C ASN D 172 -32.69 21.68 13.27
N LYS D 173 -33.96 21.84 13.63
CA LYS D 173 -35.03 21.62 12.66
C LYS D 173 -34.92 22.57 11.47
N PHE D 174 -34.62 23.84 11.74
CA PHE D 174 -34.47 24.81 10.67
C PHE D 174 -33.37 24.38 9.70
N VAL D 175 -32.22 24.02 10.26
CA VAL D 175 -31.08 23.58 9.44
C VAL D 175 -31.47 22.34 8.63
N GLU D 176 -32.09 21.37 9.28
CA GLU D 176 -32.50 20.14 8.59
C GLU D 176 -33.56 20.41 7.53
N ASP D 177 -34.52 21.29 7.83
CA ASP D 177 -35.57 21.63 6.87
C ASP D 177 -35.03 22.31 5.61
N THR D 178 -33.98 23.12 5.76
CA THR D 178 -33.36 23.74 4.59
C THR D 178 -32.64 22.69 3.73
N LYS D 179 -32.06 21.69 4.38
CA LYS D 179 -31.39 20.61 3.66
C LYS D 179 -32.40 19.81 2.84
N LYS D 180 -33.53 19.46 3.45
CA LYS D 180 -34.58 18.68 2.80
C LYS D 180 -35.36 19.55 1.81
N GLY D 181 -35.09 20.86 1.85
CA GLY D 181 -35.69 21.81 0.91
C GLY D 181 -37.13 22.18 1.23
N VAL D 182 -37.48 22.18 2.51
CA VAL D 182 -38.87 22.28 2.93
C VAL D 182 -39.08 23.42 3.96
N HIS D 183 -38.07 24.25 4.15
CA HIS D 183 -38.13 25.25 5.23
C HIS D 183 -39.27 26.25 5.10
N GLN D 184 -39.61 26.64 3.88
CA GLN D 184 -40.72 27.57 3.67
C GLN D 184 -42.06 26.96 4.09
N LYS D 185 -42.30 25.72 3.67
CA LYS D 185 -43.50 24.98 4.02
C LYS D 185 -43.62 24.75 5.53
N GLU D 186 -42.48 24.52 6.17
CA GLU D 186 -42.46 24.27 7.61
C GLU D 186 -42.54 25.52 8.47
N GLY D 187 -42.63 26.68 7.82
CA GLY D 187 -42.93 27.91 8.54
C GLY D 187 -41.75 28.84 8.83
N TRP D 188 -40.59 28.51 8.28
CA TRP D 188 -39.39 29.30 8.52
C TRP D 188 -39.28 30.52 7.60
N PRO D 189 -38.56 31.57 8.05
CA PRO D 189 -38.34 32.75 7.20
C PRO D 189 -37.18 32.48 6.27
N SER D 190 -36.79 33.46 5.46
CA SER D 190 -35.79 33.22 4.43
C SER D 190 -34.37 33.62 4.84
N SER D 191 -34.23 34.27 5.99
CA SER D 191 -32.90 34.67 6.48
C SER D 191 -32.34 33.65 7.46
N ALA D 192 -31.31 32.91 7.04
CA ALA D 192 -30.68 31.94 7.93
C ALA D 192 -30.05 32.66 9.13
N TYR D 193 -29.34 33.75 8.84
CA TYR D 193 -28.78 34.61 9.88
C TYR D 193 -29.84 35.01 10.89
N GLY D 194 -30.98 35.49 10.39
CA GLY D 194 -32.09 35.89 11.24
C GLY D 194 -32.55 34.80 12.19
N VAL D 195 -32.65 33.58 11.69
CA VAL D 195 -33.05 32.47 12.53
C VAL D 195 -32.01 32.19 13.59
N THR D 196 -30.73 32.24 13.22
CA THR D 196 -29.69 31.97 14.21
C THR D 196 -29.76 32.99 15.34
N LYS D 197 -30.13 34.22 15.01
CA LYS D 197 -30.25 35.26 16.04
C LYS D 197 -31.54 35.10 16.87
N ILE D 198 -32.57 34.46 16.30
CA ILE D 198 -33.71 34.08 17.13
C ILE D 198 -33.17 33.14 18.20
N GLY D 199 -32.32 32.19 17.79
CA GLY D 199 -31.67 31.29 18.71
C GLY D 199 -30.93 31.99 19.85
N VAL D 200 -30.17 33.02 19.51
CA VAL D 200 -29.39 33.78 20.50
C VAL D 200 -30.32 34.51 21.48
N THR D 201 -31.31 35.20 20.94
CA THR D 201 -32.27 35.93 21.76
C THR D 201 -33.01 35.00 22.71
N VAL D 202 -33.50 33.88 22.19
CA VAL D 202 -34.25 32.94 23.02
C VAL D 202 -33.35 32.23 24.03
N LEU D 203 -32.13 31.89 23.62
CA LEU D 203 -31.16 31.30 24.56
C LEU D 203 -30.93 32.27 25.72
N SER D 204 -30.89 33.55 25.42
CA SER D 204 -30.69 34.56 26.46
C SER D 204 -31.86 34.56 27.47
N ARG D 205 -33.07 34.45 26.95
CA ARG D 205 -34.27 34.39 27.79
C ARG D 205 -34.24 33.16 28.69
N ILE D 206 -33.91 32.01 28.12
CA ILE D 206 -33.77 30.78 28.90
C ILE D 206 -32.69 30.89 29.97
N HIS D 207 -31.52 31.37 29.62
CA HIS D 207 -30.40 31.42 30.57
C HIS D 207 -30.65 32.41 31.71
N ALA D 208 -31.35 33.49 31.42
CA ALA D 208 -31.75 34.42 32.47
C ALA D 208 -32.68 33.75 33.47
N ARG D 209 -33.61 32.95 32.95
CA ARG D 209 -34.53 32.17 33.76
C ARG D 209 -33.76 31.17 34.64
N LYS D 210 -32.73 30.54 34.09
CA LYS D 210 -31.95 29.53 34.82
C LYS D 210 -31.16 30.18 35.95
N LEU D 211 -30.57 31.34 35.67
CA LEU D 211 -29.89 32.11 36.70
C LEU D 211 -30.81 32.47 37.86
N SER D 212 -32.04 32.88 37.56
CA SER D 212 -32.99 33.24 38.60
C SER D 212 -33.38 32.02 39.43
N GLU D 213 -33.41 30.86 38.78
CA GLU D 213 -33.71 29.60 39.47
C GLU D 213 -32.52 29.11 40.30
N GLN D 214 -31.33 29.22 39.73
CA GLN D 214 -30.16 28.57 40.31
C GLN D 214 -29.29 29.49 41.17
N ARG D 215 -29.24 30.77 40.80
CA ARG D 215 -28.37 31.72 41.49
C ARG D 215 -29.18 32.86 42.08
N LYS D 216 -30.36 32.58 42.61
CA LYS D 216 -31.14 33.64 43.24
C LYS D 216 -30.34 34.29 44.37
N GLY D 217 -30.31 35.62 44.37
CA GLY D 217 -29.56 36.36 45.36
C GLY D 217 -28.18 36.79 44.88
N ASP D 218 -27.69 36.17 43.81
CA ASP D 218 -26.36 36.52 43.31
C ASP D 218 -26.36 37.74 42.39
N LYS D 219 -27.55 38.24 42.06
CA LYS D 219 -27.72 39.52 41.36
C LYS D 219 -26.97 39.58 40.03
N ILE D 220 -26.95 38.45 39.33
CA ILE D 220 -26.38 38.41 37.99
C ILE D 220 -27.45 38.83 37.00
N LEU D 221 -27.06 39.62 36.00
CA LEU D 221 -27.98 40.06 34.97
C LEU D 221 -27.50 39.59 33.60
N LEU D 222 -28.42 39.02 32.82
CA LEU D 222 -28.06 38.48 31.51
C LEU D 222 -29.10 38.96 30.50
N ASN D 223 -28.65 39.49 29.38
CA ASN D 223 -29.55 40.05 28.39
C ASN D 223 -29.05 39.84 26.97
N ALA D 224 -29.97 39.89 26.01
CA ALA D 224 -29.61 39.93 24.61
C ALA D 224 -29.70 41.37 24.14
N CYS D 225 -28.94 41.73 23.11
CA CYS D 225 -29.08 43.06 22.57
C CYS D 225 -28.89 43.12 21.07
N CYS D 226 -29.33 44.22 20.45
CA CYS D 226 -28.91 44.58 19.09
C CYS D 226 -28.04 45.83 19.20
N PRO D 227 -26.89 45.81 18.51
CA PRO D 227 -25.98 46.95 18.53
C PRO D 227 -26.41 48.04 17.56
N GLY D 228 -27.39 47.73 16.71
CA GLY D 228 -27.79 48.63 15.66
C GLY D 228 -27.05 48.28 14.38
N TRP D 229 -27.28 49.06 13.34
CA TRP D 229 -26.69 48.78 12.03
C TRP D 229 -25.31 49.43 11.96
N VAL D 230 -24.25 48.61 11.96
CA VAL D 230 -22.91 49.11 12.24
C VAL D 230 -21.91 48.88 11.09
N ARG D 231 -21.11 49.90 10.78
CA ARG D 231 -20.13 49.78 9.69
C ARG D 231 -18.97 48.90 10.10
N THR D 232 -19.05 47.62 9.73
CA THR D 232 -17.99 46.66 9.98
C THR D 232 -17.81 45.81 8.73
N ASP D 233 -16.89 44.84 8.80
CA ASP D 233 -16.73 43.88 7.71
C ASP D 233 -18.02 43.09 7.41
N MET D 234 -18.89 42.96 8.41
CA MET D 234 -20.13 42.20 8.23
C MET D 234 -21.17 43.01 7.44
N ALA D 235 -21.42 44.24 7.87
CA ALA D 235 -22.52 45.02 7.30
C ALA D 235 -22.13 45.94 6.14
N GLY D 236 -20.87 46.37 6.10
CA GLY D 236 -20.40 47.19 5.00
C GLY D 236 -20.49 48.68 5.27
N PRO D 237 -20.04 49.49 4.30
CA PRO D 237 -19.91 50.95 4.48
C PRO D 237 -21.23 51.73 4.49
N LYS D 238 -22.34 51.12 4.09
CA LYS D 238 -23.62 51.85 4.03
C LYS D 238 -24.32 51.94 5.37
N ALA D 239 -23.80 51.22 6.37
CA ALA D 239 -24.42 51.21 7.70
C ALA D 239 -24.34 52.58 8.38
N THR D 240 -25.25 52.82 9.32
CA THR D 240 -25.43 54.16 9.86
C THR D 240 -24.61 54.47 11.12
N LYS D 241 -24.14 53.43 11.80
CA LYS D 241 -23.37 53.60 13.05
C LYS D 241 -21.90 53.25 12.87
N SER D 242 -21.03 53.93 13.62
CA SER D 242 -19.65 53.53 13.73
C SER D 242 -19.61 52.35 14.70
N PRO D 243 -18.51 51.59 14.71
CA PRO D 243 -18.37 50.54 15.72
C PRO D 243 -18.45 51.09 17.14
N GLU D 244 -17.87 52.27 17.37
CA GLU D 244 -17.93 52.89 18.68
C GLU D 244 -19.38 53.15 19.12
N GLU D 245 -20.23 53.57 18.19
CA GLU D 245 -21.64 53.74 18.49
C GLU D 245 -22.32 52.39 18.68
N GLY D 246 -21.96 51.41 17.86
CA GLY D 246 -22.51 50.06 17.98
C GLY D 246 -22.25 49.44 19.34
N ALA D 247 -21.12 49.79 19.95
CA ALA D 247 -20.73 49.23 21.24
C ALA D 247 -21.54 49.75 22.42
N GLU D 248 -22.30 50.82 22.22
CA GLU D 248 -22.95 51.53 23.33
C GLU D 248 -23.92 50.68 24.13
N THR D 249 -24.80 49.96 23.45
CA THR D 249 -25.75 49.13 24.18
C THR D 249 -25.09 47.92 24.85
N PRO D 250 -24.24 47.17 24.13
CA PRO D 250 -23.52 46.08 24.82
C PRO D 250 -22.73 46.56 26.04
N VAL D 251 -22.08 47.71 25.94
CA VAL D 251 -21.31 48.23 27.09
C VAL D 251 -22.22 48.62 28.24
N TYR D 252 -23.33 49.29 27.92
CA TYR D 252 -24.35 49.63 28.91
C TYR D 252 -24.83 48.37 29.66
N LEU D 253 -25.07 47.29 28.93
CA LEU D 253 -25.50 46.04 29.54
C LEU D 253 -24.42 45.39 30.41
N ALA D 254 -23.14 45.57 30.04
CA ALA D 254 -22.04 44.99 30.79
C ALA D 254 -21.75 45.73 32.09
N LEU D 255 -22.06 47.03 32.12
CA LEU D 255 -21.73 47.88 33.27
C LEU D 255 -22.93 48.27 34.14
N LEU D 256 -24.05 47.57 33.97
CA LEU D 256 -25.22 47.81 34.82
C LEU D 256 -24.78 47.84 36.31
N PRO D 257 -25.20 48.88 37.06
CA PRO D 257 -24.66 49.08 38.41
C PRO D 257 -24.95 47.89 39.31
N PRO D 258 -24.10 47.68 40.33
CA PRO D 258 -24.34 46.63 41.33
C PRO D 258 -25.73 46.80 41.91
N ASP D 259 -26.40 45.69 42.21
CA ASP D 259 -27.71 45.75 42.83
C ASP D 259 -28.88 46.09 41.89
N ALA D 260 -28.56 46.46 40.64
CA ALA D 260 -29.60 46.75 39.65
C ALA D 260 -30.52 45.56 39.53
N GLU D 261 -31.83 45.82 39.41
CA GLU D 261 -32.80 44.74 39.41
C GLU D 261 -33.11 44.29 37.98
N GLY D 262 -32.75 45.13 37.02
CA GLY D 262 -32.97 44.83 35.62
C GLY D 262 -32.16 45.75 34.72
N PRO D 263 -32.26 45.57 33.40
CA PRO D 263 -33.00 44.52 32.70
C PRO D 263 -32.41 43.13 32.97
N HIS D 264 -33.26 42.11 32.96
CA HIS D 264 -32.79 40.74 33.05
C HIS D 264 -33.62 39.87 32.11
N GLY D 265 -32.94 39.15 31.23
CA GLY D 265 -33.62 38.30 30.27
C GLY D 265 -34.33 39.07 29.19
N GLN D 266 -33.91 40.30 28.94
CA GLN D 266 -34.59 41.15 27.97
C GLN D 266 -33.81 41.23 26.66
N PHE D 267 -34.50 41.64 25.62
CA PHE D 267 -33.89 41.98 24.34
C PHE D 267 -33.80 43.50 24.32
N VAL D 268 -32.58 44.03 24.21
CA VAL D 268 -32.37 45.46 24.43
C VAL D 268 -31.79 46.13 23.19
N SER D 269 -32.37 47.26 22.82
CA SER D 269 -31.87 48.05 21.70
C SER D 269 -31.86 49.53 22.09
N GLU D 270 -30.75 50.21 21.81
CA GLU D 270 -30.59 51.61 22.23
C GLU D 270 -30.87 51.77 23.72
N LYS D 271 -30.37 50.81 24.49
CA LYS D 271 -30.41 50.81 25.94
C LYS D 271 -31.82 50.65 26.52
N ARG D 272 -32.79 50.35 25.66
CA ARG D 272 -34.16 50.16 26.13
C ARG D 272 -34.69 48.78 25.74
N VAL D 273 -35.53 48.24 26.62
CA VAL D 273 -36.16 46.95 26.36
C VAL D 273 -37.08 46.98 25.15
N GLU D 274 -36.98 45.96 24.30
CA GLU D 274 -37.85 45.83 23.14
C GLU D 274 -38.72 44.60 23.34
N GLN D 275 -39.98 44.68 22.94
CA GLN D 275 -40.90 43.54 23.10
C GLN D 275 -40.47 42.37 22.22
N TRP D 276 -40.64 41.16 22.75
CA TRP D 276 -40.32 39.94 22.00
C TRP D 276 -41.61 39.17 21.75
#